data_9I86
#
_entry.id   9I86
#
_cell.length_a   1.00
_cell.length_b   1.00
_cell.length_c   1.00
_cell.angle_alpha   90.00
_cell.angle_beta   90.00
_cell.angle_gamma   90.00
#
_symmetry.space_group_name_H-M   'P 1'
#
loop_
_entity.id
_entity.type
_entity.pdbx_description
1 polymer 'Single-stranded DNA-binding protein'
2 polymer 'ssDNA poly(dT), 80mer'
#
loop_
_entity_poly.entity_id
_entity_poly.type
_entity_poly.pdbx_seq_one_letter_code
_entity_poly.pdbx_strand_id
1 'polypeptide(L)'
;MEIVSKLTLKTIGAQPKPHSVKENTALASIYGRVRGKKVGQSTFGDFIKFEGEFEGVNIATGEVFRSGALILPKVLESLL
AGAVDGENTVDFAVEIWAKPSEKGNTGYEYGVKPLIEPAASDELAALRNQVKAALPAPAAAGEAAAEAKPAAKAKAKAEA
;
A,B,C,D,E,F
2 'polydeoxyribonucleotide'
;(DT)(DT)(DT)(DT)(DT)(DT)(DT)(DT)(DT)(DT)(DT)(DT)(DT)(DT)(DT)(DT)(DT)(DT)(DT)(DT)
(DT)(DT)(DT)(DT)(DT)(DT)(DT)(DT)(DT)(DT)(DT)(DT)(DT)(DT)(DT)(DT)(DT)(DT)(DT)(DT)
(DT)(DT)(DT)(DT)(DT)(DT)(DT)(DT)(DT)(DT)(DT)(DT)(DT)(DT)(DT)(DT)(DT)(DT)(DT)(DT)
(DT)(DT)(DT)(DT)(DT)(DT)(DT)(DT)(DT)(DT)(DT)(DT)(DT)(DT)(DT)(DT)(DT)(DT)(DT)(DT)
;
Y,Z
#
loop_
_chem_comp.id
_chem_comp.type
_chem_comp.name
_chem_comp.formula
DT DNA linking THYMIDINE-5'-MONOPHOSPHATE 'C10 H15 N2 O8 P'
#
# COMPACT_ATOMS: atom_id res chain seq x y z
N MET A 1 16.42 -14.88 -25.46
CA MET A 1 17.17 -13.61 -25.26
C MET A 1 16.43 -12.45 -25.90
N GLU A 2 16.28 -11.36 -25.14
CA GLU A 2 15.64 -10.15 -25.62
C GLU A 2 16.55 -8.97 -25.36
N ILE A 3 16.85 -8.21 -26.40
CA ILE A 3 17.69 -7.02 -26.29
C ILE A 3 16.82 -5.84 -25.94
N VAL A 4 17.23 -5.09 -24.92
CA VAL A 4 16.46 -3.96 -24.39
C VAL A 4 17.36 -2.74 -24.34
N SER A 5 16.77 -1.58 -24.62
CA SER A 5 17.52 -0.33 -24.58
C SER A 5 18.04 -0.05 -23.18
N LYS A 6 17.19 -0.23 -22.17
CA LYS A 6 17.58 -0.09 -20.78
C LYS A 6 17.00 -1.22 -19.97
N LEU A 7 17.79 -1.75 -19.05
CA LEU A 7 17.39 -2.88 -18.23
C LEU A 7 16.80 -2.37 -16.92
N THR A 8 15.54 -2.70 -16.68
CA THR A 8 14.86 -2.33 -15.46
C THR A 8 13.95 -3.47 -15.04
N LEU A 9 13.51 -3.42 -13.78
CA LEU A 9 12.53 -4.40 -13.32
C LEU A 9 11.27 -4.35 -14.15
N LYS A 10 10.94 -3.18 -14.70
CA LYS A 10 9.77 -3.07 -15.56
C LYS A 10 10.03 -3.64 -16.94
N THR A 11 11.24 -3.43 -17.49
CA THR A 11 11.58 -3.98 -18.79
C THR A 11 11.54 -5.50 -18.79
N ILE A 12 12.06 -6.12 -17.73
CA ILE A 12 12.16 -7.57 -17.67
C ILE A 12 10.93 -8.15 -16.98
N GLY A 13 9.91 -7.33 -16.81
CA GLY A 13 8.65 -7.82 -16.25
C GLY A 13 8.76 -8.34 -14.84
N ALA A 14 9.61 -7.71 -14.01
CA ALA A 14 9.82 -8.14 -12.65
C ALA A 14 9.20 -7.20 -11.62
N GLN A 15 8.74 -6.03 -12.02
CA GLN A 15 8.18 -5.08 -11.09
C GLN A 15 6.84 -5.60 -10.57
N PRO A 16 6.67 -5.78 -9.27
CA PRO A 16 5.40 -6.29 -8.76
C PRO A 16 4.28 -5.28 -8.95
N LYS A 17 3.07 -5.79 -9.06
CA LYS A 17 1.91 -4.93 -9.07
C LYS A 17 1.65 -4.40 -7.65
N PRO A 18 1.19 -3.16 -7.51
CA PRO A 18 1.00 -2.63 -6.17
C PRO A 18 0.05 -3.48 -5.34
N HIS A 19 0.38 -3.62 -4.06
CA HIS A 19 -0.43 -4.37 -3.12
C HIS A 19 -0.60 -5.82 -3.58
N SER A 20 0.54 -6.48 -3.82
CA SER A 20 0.55 -7.83 -4.32
C SER A 20 1.55 -8.75 -3.63
N VAL A 21 2.45 -8.24 -2.81
CA VAL A 21 3.46 -9.07 -2.16
C VAL A 21 2.93 -9.48 -0.80
N LYS A 22 2.63 -10.77 -0.65
CA LYS A 22 2.20 -11.34 0.62
C LYS A 22 3.33 -12.04 1.35
N GLU A 23 4.41 -12.39 0.65
CA GLU A 23 5.56 -13.02 1.27
C GLU A 23 6.80 -12.65 0.47
N ASN A 24 7.97 -12.80 1.11
CA ASN A 24 9.21 -12.47 0.44
C ASN A 24 9.38 -13.32 -0.81
N THR A 25 9.82 -12.69 -1.90
CA THR A 25 9.88 -13.35 -3.19
C THR A 25 11.00 -12.73 -4.01
N ALA A 26 11.72 -13.59 -4.73
CA ALA A 26 12.75 -13.16 -5.65
C ALA A 26 12.13 -12.82 -6.99
N LEU A 27 12.64 -11.75 -7.61
CA LEU A 27 12.12 -11.27 -8.87
C LEU A 27 13.10 -11.44 -10.02
N ALA A 28 14.35 -11.04 -9.83
CA ALA A 28 15.29 -10.97 -10.93
C ALA A 28 16.70 -11.25 -10.43
N SER A 29 17.56 -11.63 -11.36
CA SER A 29 18.99 -11.77 -11.14
C SER A 29 19.70 -10.97 -12.20
N ILE A 30 20.55 -10.03 -11.78
CA ILE A 30 21.21 -9.10 -12.68
C ILE A 30 22.71 -9.18 -12.45
N TYR A 31 23.45 -9.43 -13.53
CA TYR A 31 24.90 -9.46 -13.49
C TYR A 31 25.43 -8.76 -14.72
N GLY A 32 26.63 -8.23 -14.61
CA GLY A 32 27.23 -7.54 -15.72
C GLY A 32 28.54 -6.87 -15.33
N ARG A 33 29.04 -6.07 -16.25
CA ARG A 33 30.25 -5.28 -16.04
C ARG A 33 29.91 -3.82 -16.31
N VAL A 34 30.44 -2.94 -15.47
CA VAL A 34 30.13 -1.52 -15.50
C VAL A 34 31.38 -0.76 -15.91
N ARG A 35 31.24 0.12 -16.89
CA ARG A 35 32.33 0.97 -17.37
C ARG A 35 32.20 2.40 -16.90
N GLY A 36 30.98 2.92 -16.80
CA GLY A 36 30.78 4.30 -16.39
C GLY A 36 29.39 4.50 -15.83
N LYS A 37 29.14 5.74 -15.42
CA LYS A 37 27.87 6.13 -14.82
C LYS A 37 27.52 7.55 -15.27
N LYS A 38 26.22 7.80 -15.34
CA LYS A 38 25.70 9.13 -15.64
C LYS A 38 24.52 9.41 -14.73
N VAL A 39 24.36 10.68 -14.36
CA VAL A 39 23.35 11.12 -13.41
C VAL A 39 22.26 11.84 -14.19
N GLY A 40 21.01 11.46 -13.94
CA GLY A 40 19.89 12.07 -14.60
C GLY A 40 18.83 12.48 -13.60
N GLN A 41 17.94 13.37 -14.06
CA GLN A 41 16.91 13.95 -13.23
C GLN A 41 15.54 13.48 -13.69
N SER A 42 14.64 13.30 -12.73
CA SER A 42 13.27 12.90 -12.99
C SER A 42 12.36 13.61 -12.01
N THR A 43 11.07 13.30 -12.09
CA THR A 43 10.11 13.91 -11.19
C THR A 43 10.39 13.52 -9.74
N PHE A 44 10.82 12.29 -9.53
CA PHE A 44 10.95 11.73 -8.19
C PHE A 44 12.37 11.89 -7.63
N GLY A 45 13.27 12.52 -8.36
CA GLY A 45 14.61 12.78 -7.90
C GLY A 45 15.62 12.45 -8.96
N ASP A 46 16.88 12.41 -8.55
CA ASP A 46 17.97 12.08 -9.44
C ASP A 46 18.23 10.57 -9.43
N PHE A 47 18.80 10.08 -10.53
CA PHE A 47 19.07 8.67 -10.68
C PHE A 47 20.36 8.49 -11.47
N ILE A 48 20.96 7.32 -11.32
CA ILE A 48 22.18 6.96 -12.03
C ILE A 48 21.85 5.91 -13.07
N LYS A 49 22.40 6.09 -14.26
CA LYS A 49 22.27 5.14 -15.36
C LYS A 49 23.66 4.61 -15.69
N PHE A 50 23.79 3.30 -15.78
CA PHE A 50 25.08 2.64 -15.92
C PHE A 50 25.30 2.18 -17.35
N GLU A 51 26.57 2.13 -17.74
CA GLU A 51 26.98 1.72 -19.09
C GLU A 51 27.89 0.52 -18.99
N GLY A 52 27.66 -0.48 -19.82
CA GLY A 52 28.48 -1.67 -19.84
C GLY A 52 27.75 -2.82 -20.49
N GLU A 53 28.08 -4.03 -20.04
CA GLU A 53 27.43 -5.25 -20.46
C GLU A 53 26.60 -5.79 -19.31
N PHE A 54 25.31 -5.95 -19.53
CA PHE A 54 24.39 -6.38 -18.49
C PHE A 54 23.45 -7.45 -19.03
N GLU A 55 23.24 -8.47 -18.21
CA GLU A 55 22.28 -9.51 -18.50
C GLU A 55 21.31 -9.64 -17.34
N GLY A 56 20.08 -10.00 -17.66
CA GLY A 56 19.03 -10.06 -16.67
C GLY A 56 18.18 -11.28 -16.88
N VAL A 57 17.60 -11.76 -15.78
CA VAL A 57 16.85 -13.00 -15.77
C VAL A 57 15.65 -12.82 -14.84
N ASN A 58 14.46 -13.06 -15.37
CA ASN A 58 13.26 -13.15 -14.54
C ASN A 58 13.11 -14.57 -14.03
N ILE A 59 12.59 -14.69 -12.81
CA ILE A 59 12.54 -15.98 -12.14
C ILE A 59 11.15 -16.62 -12.21
N ALA A 60 10.10 -15.83 -12.42
CA ALA A 60 8.78 -16.39 -12.64
C ALA A 60 8.55 -16.78 -14.09
N THR A 61 9.46 -16.44 -14.99
CA THR A 61 9.34 -16.78 -16.41
C THR A 61 10.59 -17.37 -17.01
N GLY A 62 11.76 -17.18 -16.39
CA GLY A 62 13.00 -17.65 -16.96
C GLY A 62 13.49 -16.83 -18.13
N GLU A 63 12.78 -15.78 -18.51
CA GLU A 63 13.21 -14.96 -19.63
C GLU A 63 14.55 -14.31 -19.33
N VAL A 64 15.38 -14.22 -20.37
CA VAL A 64 16.72 -13.69 -20.27
C VAL A 64 16.80 -12.44 -21.13
N PHE A 65 17.35 -11.36 -20.55
CA PHE A 65 17.47 -10.09 -21.22
C PHE A 65 18.91 -9.64 -21.22
N ARG A 66 19.22 -8.70 -22.10
CA ARG A 66 20.57 -8.16 -22.20
C ARG A 66 20.49 -6.72 -22.68
N SER A 67 21.37 -5.88 -22.17
CA SER A 67 21.36 -4.46 -22.49
C SER A 67 22.75 -3.89 -22.31
N GLY A 68 22.89 -2.62 -22.68
CA GLY A 68 24.09 -1.86 -22.41
C GLY A 68 23.84 -0.74 -21.43
N ALA A 69 22.59 -0.62 -20.98
CA ALA A 69 22.20 0.38 -20.02
C ALA A 69 21.49 -0.29 -18.85
N LEU A 70 21.58 0.33 -17.68
CA LEU A 70 21.01 -0.23 -16.47
C LEU A 70 20.60 0.89 -15.53
N ILE A 71 19.35 0.85 -15.09
CA ILE A 71 18.86 1.72 -14.02
C ILE A 71 18.32 0.81 -12.92
N LEU A 72 18.84 1.01 -11.72
CA LEU A 72 18.48 0.21 -10.55
C LEU A 72 17.74 1.05 -9.53
N PRO A 73 17.10 0.41 -8.55
CA PRO A 73 16.57 1.15 -7.41
C PRO A 73 17.68 1.89 -6.67
N LYS A 74 17.26 2.70 -5.70
CA LYS A 74 18.19 3.62 -5.07
C LYS A 74 19.23 2.91 -4.20
N VAL A 75 18.85 1.82 -3.55
CA VAL A 75 19.78 1.13 -2.64
C VAL A 75 20.88 0.44 -3.44
N LEU A 76 20.49 -0.42 -4.38
CA LEU A 76 21.46 -1.07 -5.25
C LEU A 76 22.28 -0.03 -5.99
N GLU A 77 21.64 1.06 -6.41
CA GLU A 77 22.34 2.13 -7.09
C GLU A 77 23.43 2.70 -6.21
N SER A 78 23.12 2.98 -4.95
CA SER A 78 24.10 3.55 -4.05
C SER A 78 25.27 2.59 -3.85
N LEU A 79 24.97 1.32 -3.62
CA LEU A 79 26.03 0.35 -3.40
C LEU A 79 26.95 0.26 -4.61
N LEU A 80 26.37 0.04 -5.79
CA LEU A 80 27.18 -0.12 -6.99
C LEU A 80 27.96 1.14 -7.30
N ALA A 81 27.32 2.31 -7.19
CA ALA A 81 28.01 3.56 -7.47
C ALA A 81 29.18 3.76 -6.54
N GLY A 82 29.01 3.46 -5.26
CA GLY A 82 30.14 3.45 -4.35
C GLY A 82 31.19 2.43 -4.75
N ALA A 83 30.80 1.40 -5.49
CA ALA A 83 31.73 0.38 -5.94
C ALA A 83 32.42 0.73 -7.26
N VAL A 84 32.01 1.80 -7.94
CA VAL A 84 32.57 2.17 -9.24
C VAL A 84 32.99 3.62 -9.19
N ASP A 85 34.19 3.90 -9.69
CA ASP A 85 34.68 5.27 -9.82
C ASP A 85 35.85 5.28 -10.78
N GLY A 86 35.69 5.97 -11.91
CA GLY A 86 36.79 6.18 -12.83
C GLY A 86 36.78 5.26 -14.04
N GLU A 87 37.97 4.87 -14.49
CA GLU A 87 38.13 4.05 -15.69
C GLU A 87 38.06 2.56 -15.42
N ASN A 88 38.04 2.14 -14.16
CA ASN A 88 38.01 0.73 -13.84
C ASN A 88 36.68 0.11 -14.26
N THR A 89 36.74 -1.14 -14.71
CA THR A 89 35.55 -1.91 -15.07
C THR A 89 35.18 -2.82 -13.91
N VAL A 90 33.94 -2.70 -13.45
CA VAL A 90 33.49 -3.31 -12.21
C VAL A 90 32.52 -4.44 -12.54
N ASP A 91 32.82 -5.63 -12.03
CA ASP A 91 31.93 -6.78 -12.17
C ASP A 91 31.00 -6.86 -10.97
N PHE A 92 29.76 -7.22 -11.23
CA PHE A 92 28.76 -7.30 -10.18
C PHE A 92 27.71 -8.34 -10.53
N ALA A 93 27.04 -8.83 -9.49
CA ALA A 93 25.99 -9.84 -9.64
C ALA A 93 25.15 -9.83 -8.38
N VAL A 94 23.84 -9.70 -8.54
CA VAL A 94 22.94 -9.56 -7.40
C VAL A 94 21.61 -10.20 -7.74
N GLU A 95 20.91 -10.64 -6.70
CA GLU A 95 19.56 -11.15 -6.80
C GLU A 95 18.64 -10.19 -6.07
N ILE A 96 17.57 -9.78 -6.75
CA ILE A 96 16.66 -8.75 -6.25
C ILE A 96 15.42 -9.43 -5.70
N TRP A 97 15.04 -9.05 -4.48
CA TRP A 97 13.90 -9.61 -3.79
C TRP A 97 12.84 -8.54 -3.57
N ALA A 98 11.70 -8.98 -3.08
CA ALA A 98 10.60 -8.09 -2.72
C ALA A 98 10.04 -8.53 -1.38
N LYS A 99 9.87 -7.57 -0.48
CA LYS A 99 9.39 -7.84 0.86
C LYS A 99 8.19 -6.96 1.15
N PRO A 100 7.20 -7.46 1.89
CA PRO A 100 6.06 -6.61 2.25
C PRO A 100 6.49 -5.41 3.06
N SER A 101 5.79 -4.29 2.85
CA SER A 101 6.12 -3.03 3.50
C SER A 101 4.81 -2.34 3.89
N GLU A 102 4.36 -2.58 5.11
CA GLU A 102 3.28 -1.79 5.66
C GLU A 102 3.72 -0.34 5.77
N LYS A 103 2.78 0.57 5.53
CA LYS A 103 3.05 2.00 5.46
C LYS A 103 3.84 2.36 4.20
N GLY A 104 3.67 1.57 3.15
CA GLY A 104 4.30 1.83 1.87
C GLY A 104 3.25 2.12 0.81
N ASN A 105 3.58 3.05 -0.10
CA ASN A 105 2.66 3.40 -1.16
C ASN A 105 2.51 2.29 -2.19
N THR A 106 3.42 1.32 -2.21
CA THR A 106 3.34 0.18 -3.12
C THR A 106 3.04 -1.12 -2.41
N GLY A 107 3.35 -1.22 -1.13
CA GLY A 107 3.14 -2.43 -0.38
C GLY A 107 4.33 -3.37 -0.34
N TYR A 108 5.46 -2.97 -0.92
CA TYR A 108 6.63 -3.82 -0.94
C TYR A 108 7.88 -2.96 -0.84
N GLU A 109 8.95 -3.58 -0.38
CA GLU A 109 10.28 -2.99 -0.35
C GLU A 109 11.27 -3.97 -0.96
N TYR A 110 12.22 -3.45 -1.71
CA TYR A 110 13.17 -4.29 -2.42
C TYR A 110 14.28 -4.76 -1.51
N GLY A 111 14.73 -5.99 -1.74
CA GLY A 111 15.85 -6.56 -1.03
C GLY A 111 17.01 -6.88 -1.95
N VAL A 112 18.21 -6.99 -1.39
CA VAL A 112 19.42 -7.22 -2.15
C VAL A 112 20.16 -8.39 -1.53
N LYS A 113 20.32 -9.47 -2.29
CA LYS A 113 21.12 -10.61 -1.88
C LYS A 113 22.23 -10.84 -2.90
N PRO A 114 23.44 -10.37 -2.64
CA PRO A 114 24.51 -10.53 -3.63
C PRO A 114 24.90 -11.98 -3.83
N LEU A 115 25.41 -12.27 -5.03
CA LEU A 115 25.84 -13.61 -5.40
C LEU A 115 27.35 -13.76 -5.41
N ILE A 116 28.10 -12.67 -5.47
CA ILE A 116 29.54 -12.67 -5.26
C ILE A 116 29.79 -12.27 -3.81
N GLU A 117 30.61 -13.06 -3.11
CA GLU A 117 30.95 -12.72 -1.74
C GLU A 117 31.66 -11.38 -1.72
N PRO A 118 31.19 -10.41 -0.93
CA PRO A 118 31.82 -9.09 -0.91
C PRO A 118 33.04 -9.08 0.02
N ALA A 119 33.70 -7.93 0.04
CA ALA A 119 34.96 -7.77 0.78
C ALA A 119 34.67 -7.37 2.21
N ALA A 120 35.25 -8.12 3.15
CA ALA A 120 35.14 -7.84 4.57
C ALA A 120 36.53 -7.71 5.18
N SER A 121 36.68 -6.73 6.05
CA SER A 121 37.98 -6.49 6.68
C SER A 121 38.43 -7.62 7.60
N ASP A 122 39.73 -7.72 7.80
CA ASP A 122 40.28 -8.77 8.66
C ASP A 122 39.78 -8.60 10.10
N GLU A 123 39.43 -7.38 10.49
CA GLU A 123 38.99 -7.14 11.86
C GLU A 123 37.64 -7.79 12.12
N LEU A 124 36.68 -7.59 11.22
CA LEU A 124 35.38 -8.21 11.39
C LEU A 124 35.47 -9.73 11.22
N ALA A 125 36.43 -10.20 10.42
CA ALA A 125 36.71 -11.62 10.37
C ALA A 125 37.18 -12.13 11.73
N ALA A 126 38.05 -11.38 12.40
CA ALA A 126 38.45 -11.72 13.75
C ALA A 126 37.25 -11.76 14.68
N LEU A 127 36.34 -10.81 14.52
CA LEU A 127 35.14 -10.80 15.36
C LEU A 127 34.30 -12.04 15.14
N ARG A 128 34.10 -12.43 13.88
CA ARG A 128 33.33 -13.62 13.59
C ARG A 128 34.01 -14.85 14.18
N ASN A 129 35.33 -14.90 14.11
CA ASN A 129 36.07 -16.01 14.70
C ASN A 129 35.84 -16.06 16.21
N GLN A 130 35.91 -14.92 16.88
CA GLN A 130 35.67 -14.88 18.32
C GLN A 130 34.26 -15.34 18.65
N VAL A 131 33.27 -14.91 17.87
CA VAL A 131 31.90 -15.33 18.11
C VAL A 131 31.78 -16.84 17.98
N LYS A 132 32.41 -17.42 16.95
CA LYS A 132 32.32 -18.85 16.70
C LYS A 132 33.14 -19.68 17.68
N ALA A 133 33.77 -19.07 18.68
CA ALA A 133 34.65 -19.78 19.60
C ALA A 133 33.92 -20.24 20.86
N ALA A 134 33.20 -19.32 21.51
CA ALA A 134 32.56 -19.62 22.78
C ALA A 134 31.57 -20.77 22.66
N LEU A 135 30.53 -20.58 21.86
CA LEU A 135 29.48 -21.58 21.71
C LEU A 135 29.77 -22.48 20.50
N MET D 1 -24.99 -9.79 20.31
CA MET D 1 -24.79 -8.36 20.67
C MET D 1 -23.59 -8.21 21.59
N GLU D 2 -22.72 -7.26 21.26
CA GLU D 2 -21.54 -6.94 22.05
C GLU D 2 -21.52 -5.46 22.34
N ILE D 3 -21.43 -5.11 23.62
CA ILE D 3 -21.37 -3.73 24.05
C ILE D 3 -19.92 -3.28 24.04
N VAL D 4 -19.67 -2.12 23.43
CA VAL D 4 -18.33 -1.59 23.24
C VAL D 4 -18.29 -0.16 23.75
N SER D 5 -17.16 0.21 24.35
CA SER D 5 -16.99 1.57 24.85
C SER D 5 -17.06 2.58 23.72
N LYS D 6 -16.37 2.31 22.62
CA LYS D 6 -16.42 3.14 21.43
C LYS D 6 -16.55 2.26 20.21
N LEU D 7 -17.37 2.71 19.26
CA LEU D 7 -17.63 1.94 18.05
C LEU D 7 -16.70 2.43 16.95
N THR D 8 -15.87 1.52 16.43
CA THR D 8 -14.95 1.82 15.35
C THR D 8 -14.87 0.61 14.45
N LEU D 9 -14.35 0.82 13.24
CA LEU D 9 -14.10 -0.30 12.34
C LEU D 9 -13.17 -1.31 12.97
N LYS D 10 -12.28 -0.88 13.86
CA LYS D 10 -11.40 -1.81 14.55
C LYS D 10 -12.12 -2.56 15.66
N THR D 11 -13.01 -1.87 16.38
CA THR D 11 -13.78 -2.53 17.43
C THR D 11 -14.66 -3.64 16.88
N ILE D 12 -15.32 -3.39 15.75
CA ILE D 12 -16.26 -4.34 15.18
C ILE D 12 -15.55 -5.24 14.18
N GLY D 13 -14.23 -5.23 14.18
CA GLY D 13 -13.46 -6.12 13.34
C GLY D 13 -13.68 -5.91 11.86
N ALA D 14 -13.87 -4.67 11.43
CA ALA D 14 -14.12 -4.36 10.04
C ALA D 14 -12.94 -3.69 9.35
N GLN D 15 -11.93 -3.28 10.09
CA GLN D 15 -10.79 -2.60 9.48
C GLN D 15 -9.99 -3.59 8.65
N PRO D 16 -9.80 -3.35 7.36
CA PRO D 16 -9.03 -4.31 6.55
C PRO D 16 -7.56 -4.32 6.95
N LYS D 17 -6.93 -5.45 6.71
CA LYS D 17 -5.50 -5.54 6.88
C LYS D 17 -4.82 -4.81 5.73
N PRO D 18 -3.68 -4.15 5.98
CA PRO D 18 -3.02 -3.40 4.90
C PRO D 18 -2.70 -4.29 3.72
N HIS D 19 -2.88 -3.73 2.53
CA HIS D 19 -2.57 -4.41 1.28
C HIS D 19 -3.37 -5.71 1.17
N SER D 20 -4.69 -5.57 1.30
CA SER D 20 -5.58 -6.72 1.28
C SER D 20 -6.83 -6.54 0.44
N VAL D 21 -7.14 -5.32 -0.02
CA VAL D 21 -8.35 -5.07 -0.79
C VAL D 21 -8.00 -5.21 -2.27
N LYS D 22 -8.53 -6.25 -2.91
CA LYS D 22 -8.37 -6.46 -4.33
C LYS D 22 -9.59 -6.02 -5.12
N GLU D 23 -10.74 -5.87 -4.47
CA GLU D 23 -11.96 -5.41 -5.12
C GLU D 23 -12.80 -4.68 -4.09
N ASN D 24 -13.73 -3.86 -4.58
CA ASN D 24 -14.60 -3.12 -3.69
C ASN D 24 -15.41 -4.07 -2.82
N THR D 25 -15.51 -3.74 -1.54
CA THR D 25 -16.12 -4.64 -0.57
C THR D 25 -16.73 -3.83 0.55
N ALA D 26 -17.91 -4.26 0.99
CA ALA D 26 -18.58 -3.66 2.13
C ALA D 26 -18.06 -4.27 3.43
N LEU D 27 -17.89 -3.44 4.43
CA LEU D 27 -17.34 -3.85 5.72
C LEU D 27 -18.36 -3.79 6.84
N ALA D 28 -19.09 -2.70 6.97
CA ALA D 28 -19.93 -2.47 8.13
C ALA D 28 -21.14 -1.64 7.74
N SER D 29 -22.17 -1.73 8.57
CA SER D 29 -23.34 -0.89 8.50
C SER D 29 -23.56 -0.27 9.86
N ILE D 30 -23.62 1.06 9.91
CA ILE D 30 -23.69 1.79 11.16
C ILE D 30 -24.90 2.72 11.11
N TYR D 31 -25.75 2.60 12.11
CA TYR D 31 -26.92 3.46 12.25
C TYR D 31 -27.07 3.84 13.71
N GLY D 32 -27.69 4.99 13.95
CA GLY D 32 -27.89 5.44 15.30
C GLY D 32 -28.47 6.84 15.33
N ARG D 33 -28.50 7.39 16.54
CA ARG D 33 -28.94 8.75 16.79
C ARG D 33 -27.83 9.50 17.51
N VAL D 34 -27.62 10.75 17.11
CA VAL D 34 -26.52 11.57 17.61
C VAL D 34 -27.11 12.71 18.43
N ARG D 35 -26.59 12.89 19.64
CA ARG D 35 -26.99 13.98 20.52
C ARG D 35 -25.97 15.10 20.58
N GLY D 36 -24.68 14.77 20.52
CA GLY D 36 -23.64 15.78 20.61
C GLY D 36 -22.35 15.30 19.99
N LYS D 37 -21.36 16.18 20.01
CA LYS D 37 -20.06 15.90 19.45
C LYS D 37 -18.99 16.54 20.32
N LYS D 38 -17.81 15.92 20.32
CA LYS D 38 -16.64 16.45 21.01
C LYS D 38 -15.42 16.27 20.11
N VAL D 39 -14.50 17.21 20.21
CA VAL D 39 -13.31 17.26 19.36
C VAL D 39 -12.12 16.84 20.20
N GLY D 40 -11.32 15.90 19.68
CA GLY D 40 -10.15 15.42 20.37
C GLY D 40 -8.95 15.44 19.46
N GLN D 41 -7.77 15.38 20.08
CA GLN D 41 -6.50 15.47 19.39
C GLN D 41 -5.76 14.15 19.48
N SER D 42 -5.05 13.82 18.41
CA SER D 42 -4.24 12.62 18.34
C SER D 42 -2.96 12.93 17.57
N THR D 43 -2.14 11.90 17.38
CA THR D 43 -0.90 12.09 16.63
C THR D 43 -1.18 12.50 15.19
N PHE D 44 -2.22 11.95 14.60
CA PHE D 44 -2.51 12.12 13.19
C PHE D 44 -3.45 13.27 12.90
N GLY D 45 -3.88 14.01 13.92
CA GLY D 45 -4.73 15.17 13.75
C GLY D 45 -5.85 15.16 14.75
N ASP D 46 -6.82 16.03 14.51
CA ASP D 46 -8.00 16.13 15.35
C ASP D 46 -9.10 15.22 14.83
N PHE D 47 -9.98 14.82 15.75
CA PHE D 47 -11.06 13.92 15.41
C PHE D 47 -12.28 14.28 16.24
N ILE D 48 -13.45 13.85 15.76
CA ILE D 48 -14.71 14.08 16.44
C ILE D 48 -15.22 12.75 16.99
N LYS D 49 -15.70 12.79 18.23
CA LYS D 49 -16.30 11.64 18.88
C LYS D 49 -17.75 11.98 19.18
N PHE D 50 -18.65 11.08 18.80
CA PHE D 50 -20.09 11.34 18.86
C PHE D 50 -20.72 10.63 20.04
N GLU D 51 -21.80 11.21 20.55
CA GLU D 51 -22.53 10.69 21.70
C GLU D 51 -23.97 10.42 21.29
N GLY D 52 -24.48 9.27 21.67
CA GLY D 52 -25.86 8.91 21.38
C GLY D 52 -26.05 7.40 21.46
N GLU D 53 -26.99 6.91 20.66
CA GLU D 53 -27.26 5.49 20.54
C GLU D 53 -26.78 5.03 19.17
N PHE D 54 -25.90 4.05 19.16
CA PHE D 54 -25.28 3.57 17.92
C PHE D 54 -25.27 2.05 17.91
N GLU D 55 -25.60 1.48 16.76
CA GLU D 55 -25.52 0.06 16.54
C GLU D 55 -24.69 -0.20 15.29
N GLY D 56 -23.96 -1.31 15.31
CA GLY D 56 -23.04 -1.63 14.24
C GLY D 56 -23.12 -3.09 13.89
N VAL D 57 -22.83 -3.38 12.62
CA VAL D 57 -22.98 -4.72 12.08
C VAL D 57 -21.82 -4.99 11.13
N ASN D 58 -21.08 -6.05 11.37
CA ASN D 58 -20.09 -6.54 10.44
C ASN D 58 -20.76 -7.47 9.44
N ILE D 59 -20.27 -7.42 8.20
CA ILE D 59 -20.92 -8.14 7.10
C ILE D 59 -20.22 -9.45 6.76
N ALA D 60 -18.94 -9.59 7.12
CA ALA D 60 -18.26 -10.87 6.95
C ALA D 60 -18.49 -11.81 8.11
N THR D 61 -19.12 -11.34 9.19
CA THR D 61 -19.41 -12.16 10.36
C THR D 61 -20.84 -12.05 10.86
N GLY D 62 -21.56 -10.99 10.51
CA GLY D 62 -22.89 -10.78 11.03
C GLY D 62 -22.94 -10.32 12.46
N GLU D 63 -21.79 -10.13 13.10
CA GLU D 63 -21.76 -9.69 14.49
C GLU D 63 -22.41 -8.32 14.61
N VAL D 64 -23.14 -8.13 15.69
CA VAL D 64 -23.86 -6.89 15.97
C VAL D 64 -23.27 -6.26 17.22
N PHE D 65 -22.99 -4.97 17.15
CA PHE D 65 -22.40 -4.22 18.25
C PHE D 65 -23.28 -3.03 18.58
N ARG D 66 -23.06 -2.49 19.77
CA ARG D 66 -23.81 -1.33 20.23
C ARG D 66 -22.94 -0.54 21.18
N SER D 67 -23.08 0.79 21.12
CA SER D 67 -22.24 1.67 21.92
C SER D 67 -22.98 2.99 22.13
N GLY D 68 -22.37 3.85 22.94
CA GLY D 68 -22.84 5.20 23.13
C GLY D 68 -21.83 6.21 22.59
N ALA D 69 -20.73 5.70 22.06
CA ALA D 69 -19.68 6.53 21.47
C ALA D 69 -19.38 6.04 20.07
N LEU D 70 -18.94 6.96 19.22
CA LEU D 70 -18.67 6.65 17.82
C LEU D 70 -17.56 7.54 17.31
N ILE D 71 -16.54 6.92 16.73
CA ILE D 71 -15.50 7.62 15.98
C ILE D 71 -15.48 7.05 14.58
N LEU D 72 -15.62 7.93 13.60
CA LEU D 72 -15.67 7.57 12.19
C LEU D 72 -14.45 8.09 11.45
N PRO D 73 -14.21 7.60 10.24
CA PRO D 73 -13.20 8.21 9.38
C PRO D 73 -13.54 9.67 9.10
N LYS D 74 -12.60 10.35 8.44
CA LYS D 74 -12.70 11.80 8.30
C LYS D 74 -13.84 12.22 7.38
N VAL D 75 -14.12 11.44 6.33
CA VAL D 75 -15.15 11.84 5.37
C VAL D 75 -16.53 11.72 6.00
N LEU D 76 -16.86 10.54 6.51
CA LEU D 76 -18.13 10.35 7.20
C LEU D 76 -18.24 11.31 8.36
N GLU D 77 -17.13 11.55 9.05
CA GLU D 77 -17.13 12.49 10.16
C GLU D 77 -17.53 13.88 9.70
N SER D 78 -16.95 14.34 8.59
CA SER D 78 -17.28 15.66 8.08
C SER D 78 -18.75 15.75 7.71
N LEU D 79 -19.25 14.74 6.99
CA LEU D 79 -20.65 14.77 6.58
C LEU D 79 -21.58 14.82 7.78
N LEU D 80 -21.41 13.88 8.73
CA LEU D 80 -22.29 13.83 9.88
C LEU D 80 -22.19 15.10 10.72
N ALA D 81 -20.96 15.58 10.95
CA ALA D 81 -20.78 16.79 11.75
C ALA D 81 -21.48 17.97 11.11
N GLY D 82 -21.35 18.11 9.78
CA GLY D 82 -22.14 19.11 9.09
C GLY D 82 -23.63 18.88 9.23
N ALA D 83 -24.04 17.64 9.48
CA ALA D 83 -25.44 17.31 9.66
C ALA D 83 -25.94 17.50 11.09
N VAL D 84 -25.05 17.76 12.05
CA VAL D 84 -25.43 17.90 13.46
C VAL D 84 -24.89 19.22 14.00
N ASP D 85 -25.74 19.95 14.70
CA ASP D 85 -25.32 21.19 15.37
C ASP D 85 -26.36 21.55 16.42
N GLY D 86 -25.96 21.53 17.68
CA GLY D 86 -26.81 22.01 18.75
C GLY D 86 -27.51 20.92 19.54
N GLU D 87 -28.75 21.20 19.96
CA GLU D 87 -29.50 20.28 20.81
C GLU D 87 -30.31 19.26 20.01
N ASN D 88 -30.40 19.41 18.70
CA ASN D 88 -31.18 18.50 17.89
C ASN D 88 -30.56 17.11 17.88
N THR D 89 -31.41 16.10 17.85
CA THR D 89 -30.98 14.70 17.76
C THR D 89 -31.08 14.24 16.32
N VAL D 90 -29.98 13.75 15.78
CA VAL D 90 -29.84 13.48 14.35
C VAL D 90 -29.79 11.97 14.13
N ASP D 91 -30.68 11.48 13.28
CA ASP D 91 -30.69 10.09 12.88
C ASP D 91 -29.85 9.89 11.63
N PHE D 92 -29.12 8.78 11.58
CA PHE D 92 -28.25 8.52 10.44
C PHE D 92 -28.09 7.02 10.26
N ALA D 93 -27.73 6.64 9.06
CA ALA D 93 -27.52 5.24 8.70
C ALA D 93 -26.70 5.20 7.42
N VAL D 94 -25.60 4.44 7.45
CA VAL D 94 -24.67 4.40 6.33
C VAL D 94 -24.05 3.03 6.25
N GLU D 95 -23.63 2.66 5.05
CA GLU D 95 -22.88 1.45 4.78
C GLU D 95 -21.48 1.84 4.34
N ILE D 96 -20.48 1.25 4.98
CA ILE D 96 -19.09 1.62 4.77
C ILE D 96 -18.44 0.59 3.86
N TRP D 97 -17.76 1.06 2.82
CA TRP D 97 -17.11 0.23 1.83
C TRP D 97 -15.61 0.44 1.88
N ALA D 98 -14.90 -0.40 1.12
CA ALA D 98 -13.46 -0.30 0.98
C ALA D 98 -13.12 -0.46 -0.49
N LYS D 99 -12.29 0.44 -1.00
CA LYS D 99 -11.90 0.45 -2.40
C LYS D 99 -10.39 0.45 -2.50
N PRO D 100 -9.82 -0.23 -3.50
CA PRO D 100 -8.37 -0.18 -3.66
C PRO D 100 -7.89 1.23 -3.92
N SER D 101 -6.69 1.53 -3.42
CA SER D 101 -6.10 2.86 -3.53
C SER D 101 -4.61 2.70 -3.80
N GLU D 102 -4.25 2.70 -5.08
CA GLU D 102 -2.84 2.81 -5.45
C GLU D 102 -2.30 4.15 -4.98
N LYS D 103 -1.05 4.16 -4.54
CA LYS D 103 -0.41 5.32 -3.93
C LYS D 103 -0.97 5.59 -2.54
N GLY D 104 -1.44 4.55 -1.87
CA GLY D 104 -1.94 4.65 -0.51
C GLY D 104 -1.08 3.85 0.45
N ASN D 105 -0.90 4.38 1.65
CA ASN D 105 -0.09 3.70 2.65
C ASN D 105 -0.77 2.45 3.20
N THR D 106 -2.08 2.29 2.97
CA THR D 106 -2.81 1.11 3.39
C THR D 106 -3.26 0.25 2.23
N GLY D 107 -3.41 0.82 1.05
CA GLY D 107 -3.88 0.10 -0.10
C GLY D 107 -5.37 0.16 -0.33
N TYR D 108 -6.11 0.92 0.50
CA TYR D 108 -7.55 1.01 0.35
C TYR D 108 -7.99 2.41 0.73
N GLU D 109 -9.16 2.77 0.22
CA GLU D 109 -9.84 4.01 0.58
C GLU D 109 -11.29 3.69 0.91
N TYR D 110 -11.82 4.36 1.92
CA TYR D 110 -13.16 4.08 2.39
C TYR D 110 -14.21 4.74 1.52
N GLY D 111 -15.34 4.05 1.34
CA GLY D 111 -16.48 4.57 0.62
C GLY D 111 -17.69 4.70 1.50
N VAL D 112 -18.63 5.55 1.10
CA VAL D 112 -19.83 5.83 1.88
C VAL D 112 -21.04 5.67 0.97
N LYS D 113 -21.90 4.73 1.31
CA LYS D 113 -23.18 4.53 0.61
C LYS D 113 -24.31 4.67 1.61
N PRO D 114 -24.96 5.83 1.71
CA PRO D 114 -26.02 6.00 2.70
C PRO D 114 -27.23 5.13 2.42
N LEU D 115 -27.95 4.80 3.48
CA LEU D 115 -29.14 3.97 3.40
C LEU D 115 -30.43 4.76 3.54
N ILE D 116 -30.37 5.98 4.08
CA ILE D 116 -31.48 6.92 4.07
C ILE D 116 -31.26 7.87 2.91
N GLU D 117 -32.29 8.05 2.09
CA GLU D 117 -32.18 8.99 0.99
C GLU D 117 -31.92 10.39 1.53
N PRO D 118 -30.87 11.08 1.09
CA PRO D 118 -30.58 12.41 1.62
C PRO D 118 -31.40 13.48 0.92
N ALA D 119 -31.25 14.71 1.40
CA ALA D 119 -32.05 15.84 0.93
C ALA D 119 -31.41 16.47 -0.29
N ALA D 120 -32.19 16.62 -1.35
CA ALA D 120 -31.76 17.26 -2.58
C ALA D 120 -32.69 18.41 -2.92
N SER D 121 -32.13 19.52 -3.36
CA SER D 121 -32.93 20.69 -3.69
C SER D 121 -33.84 20.48 -4.90
N ASP D 122 -34.91 21.27 -4.95
CA ASP D 122 -35.85 21.16 -6.05
C ASP D 122 -35.19 21.49 -7.38
N GLU D 123 -34.13 22.29 -7.35
CA GLU D 123 -33.46 22.69 -8.58
C GLU D 123 -32.75 21.51 -9.23
N LEU D 124 -31.98 20.75 -8.45
CA LEU D 124 -31.31 19.59 -9.00
C LEU D 124 -32.32 18.50 -9.36
N ALA D 125 -33.46 18.45 -8.67
CA ALA D 125 -34.55 17.58 -9.10
C ALA D 125 -35.05 17.99 -10.48
N ALA D 126 -35.21 19.29 -10.71
CA ALA D 126 -35.56 19.77 -12.05
C ALA D 126 -34.51 19.36 -13.07
N LEU D 127 -33.24 19.43 -12.69
CA LEU D 127 -32.18 19.02 -13.61
C LEU D 127 -32.29 17.54 -13.96
N ARG D 128 -32.53 16.70 -12.96
CA ARG D 128 -32.67 15.27 -13.23
C ARG D 128 -33.87 15.02 -14.12
N ASN D 129 -34.96 15.76 -13.91
CA ASN D 129 -36.13 15.62 -14.76
C ASN D 129 -35.81 16.00 -16.20
N GLN D 130 -35.08 17.09 -16.40
CA GLN D 130 -34.69 17.50 -17.75
C GLN D 130 -33.81 16.44 -18.40
N VAL D 131 -32.87 15.86 -17.65
CA VAL D 131 -32.01 14.82 -18.20
C VAL D 131 -32.84 13.62 -18.64
N LYS D 132 -33.82 13.22 -17.82
CA LYS D 132 -34.64 12.06 -18.11
C LYS D 132 -35.66 12.30 -19.21
N ALA D 133 -35.66 13.49 -19.83
CA ALA D 133 -36.67 13.82 -20.82
C ALA D 133 -36.21 13.53 -22.24
N ALA D 134 -35.00 13.97 -22.60
CA ALA D 134 -34.53 13.84 -23.98
C ALA D 134 -34.45 12.37 -24.39
N LEU D 135 -33.61 11.60 -23.72
CA LEU D 135 -33.41 10.19 -24.08
C LEU D 135 -34.32 9.30 -23.24
N MET E 1 -21.06 -26.34 43.53
CA MET E 1 -21.33 -24.98 44.03
C MET E 1 -20.33 -24.58 45.10
N GLU E 2 -19.76 -23.40 44.95
CA GLU E 2 -18.80 -22.86 45.90
C GLU E 2 -19.26 -21.47 46.32
N ILE E 3 -19.38 -21.27 47.63
CA ILE E 3 -19.78 -19.98 48.18
C ILE E 3 -18.54 -19.13 48.39
N VAL E 4 -18.59 -17.89 47.89
CA VAL E 4 -17.46 -16.98 47.92
C VAL E 4 -17.89 -15.67 48.55
N SER E 5 -16.98 -15.06 49.32
CA SER E 5 -17.29 -13.78 49.94
C SER E 5 -17.54 -12.70 48.91
N LYS E 6 -16.70 -12.64 47.87
CA LYS E 6 -16.89 -11.72 46.76
C LYS E 6 -16.63 -12.45 45.46
N LEU E 7 -17.46 -12.15 44.46
CA LEU E 7 -17.36 -12.81 43.17
C LEU E 7 -16.53 -11.96 42.23
N THR E 8 -15.43 -12.52 41.75
CA THR E 8 -14.54 -11.85 40.82
C THR E 8 -14.02 -12.88 39.83
N LEU E 9 -13.47 -12.38 38.72
CA LEU E 9 -12.83 -13.26 37.77
C LEU E 9 -11.70 -14.04 38.42
N LYS E 10 -11.07 -13.48 39.44
CA LYS E 10 -10.01 -14.19 40.15
C LYS E 10 -10.58 -15.23 41.10
N THR E 11 -11.70 -14.92 41.76
CA THR E 11 -12.32 -15.89 42.65
C THR E 11 -12.77 -17.13 41.91
N ILE E 12 -13.37 -16.95 40.73
CA ILE E 12 -13.93 -18.06 39.98
C ILE E 12 -12.89 -18.60 39.00
N GLY E 13 -11.65 -18.20 39.16
CA GLY E 13 -10.57 -18.74 38.34
C GLY E 13 -10.70 -18.44 36.87
N ALA E 14 -11.22 -17.26 36.53
CA ALA E 14 -11.42 -16.86 35.14
C ALA E 14 -10.43 -15.81 34.66
N GLN E 15 -9.66 -15.21 35.55
CA GLN E 15 -8.73 -14.17 35.15
C GLN E 15 -7.60 -14.79 34.34
N PRO E 16 -7.37 -14.36 33.10
CA PRO E 16 -6.28 -14.94 32.32
C PRO E 16 -4.93 -14.58 32.89
N LYS E 17 -3.96 -15.46 32.64
CA LYS E 17 -2.59 -15.14 32.98
C LYS E 17 -2.05 -14.11 31.99
N PRO E 18 -1.20 -13.19 32.42
CA PRO E 18 -0.71 -12.17 31.50
C PRO E 18 -0.01 -12.78 30.29
N HIS E 19 -0.24 -12.16 29.15
CA HIS E 19 0.36 -12.58 27.88
C HIS E 19 0.01 -14.03 27.57
N SER E 20 -1.30 -14.29 27.55
CA SER E 20 -1.80 -15.64 27.33
C SER E 20 -2.97 -15.73 26.35
N VAL E 21 -3.58 -14.61 25.96
CA VAL E 21 -4.74 -14.63 25.08
C VAL E 21 -4.23 -14.49 23.64
N LYS E 22 -4.36 -15.56 22.86
CA LYS E 22 -4.02 -15.54 21.45
C LYS E 22 -5.24 -15.38 20.56
N GLU E 23 -6.43 -15.64 21.08
CA GLU E 23 -7.67 -15.48 20.33
C GLU E 23 -8.78 -15.15 21.31
N ASN E 24 -9.87 -14.59 20.77
CA ASN E 24 -10.99 -14.23 21.61
C ASN E 24 -11.55 -15.47 22.29
N THR E 25 -11.87 -15.33 23.57
CA THR E 25 -12.26 -16.48 24.39
C THR E 25 -13.20 -16.02 25.49
N ALA E 26 -14.22 -16.81 25.75
CA ALA E 26 -15.14 -16.57 26.85
C ALA E 26 -14.58 -17.15 28.13
N LEU E 27 -14.77 -16.42 29.23
CA LEU E 27 -14.24 -16.81 30.52
C LEU E 27 -15.32 -17.18 31.52
N ALA E 28 -16.36 -16.36 31.64
CA ALA E 28 -17.33 -16.52 32.70
C ALA E 28 -18.69 -16.03 32.25
N SER E 29 -19.72 -16.52 32.94
CA SER E 29 -21.08 -16.04 32.79
C SER E 29 -21.60 -15.67 34.18
N ILE E 30 -22.05 -14.43 34.31
CA ILE E 30 -22.45 -13.90 35.60
C ILE E 30 -23.87 -13.36 35.49
N TYR E 31 -24.75 -13.83 36.37
CA TYR E 31 -26.13 -13.37 36.42
C TYR E 31 -26.51 -13.22 37.88
N GLY E 32 -27.46 -12.34 38.15
CA GLY E 32 -27.91 -12.11 39.50
C GLY E 32 -28.88 -10.96 39.57
N ARG E 33 -29.18 -10.59 40.81
CA ARG E 33 -30.03 -9.44 41.11
C ARG E 33 -29.28 -8.50 42.03
N VAL E 34 -29.41 -7.21 41.77
CA VAL E 34 -28.66 -6.17 42.47
C VAL E 34 -29.62 -5.35 43.29
N ARG E 35 -29.29 -5.16 44.57
CA ARG E 35 -30.09 -4.35 45.48
C ARG E 35 -29.45 -3.00 45.76
N GLY E 36 -28.13 -2.93 45.84
CA GLY E 36 -27.45 -1.69 46.14
C GLY E 36 -26.03 -1.70 45.64
N LYS E 37 -25.35 -0.58 45.86
CA LYS E 37 -23.97 -0.40 45.43
C LYS E 37 -23.22 0.41 46.48
N LYS E 38 -21.92 0.16 46.57
CA LYS E 38 -21.03 0.92 47.43
C LYS E 38 -19.74 1.20 46.68
N VAL E 39 -19.15 2.35 46.97
CA VAL E 39 -17.96 2.83 46.28
C VAL E 39 -16.77 2.68 47.22
N GLY E 40 -15.69 2.08 46.72
CA GLY E 40 -14.50 1.88 47.50
C GLY E 40 -13.28 2.35 46.75
N GLN E 41 -12.21 2.55 47.51
CA GLN E 41 -10.97 3.09 46.99
C GLN E 41 -9.87 2.03 47.05
N SER E 42 -9.00 2.05 46.06
CA SER E 42 -7.86 1.15 45.99
C SER E 42 -6.68 1.90 45.40
N THR E 43 -5.57 1.18 45.23
CA THR E 43 -4.38 1.80 44.66
C THR E 43 -4.62 2.28 43.24
N PHE E 44 -5.41 1.53 42.48
CA PHE E 44 -5.60 1.77 41.06
C PHE E 44 -6.81 2.63 40.76
N GLY E 45 -7.54 3.09 41.77
CA GLY E 45 -8.66 3.97 41.60
C GLY E 45 -9.83 3.52 42.45
N ASP E 46 -10.99 4.10 42.18
CA ASP E 46 -12.21 3.76 42.87
C ASP E 46 -12.94 2.63 42.15
N PHE E 47 -13.74 1.89 42.90
CA PHE E 47 -14.47 0.75 42.37
C PHE E 47 -15.81 0.66 43.06
N ILE E 48 -16.75 -0.02 42.42
CA ILE E 48 -18.07 -0.25 42.96
C ILE E 48 -18.21 -1.72 43.32
N LYS E 49 -18.79 -1.97 44.50
CA LYS E 49 -19.08 -3.31 44.97
C LYS E 49 -20.59 -3.44 45.11
N PHE E 50 -21.14 -4.50 44.55
CA PHE E 50 -22.58 -4.68 44.46
C PHE E 50 -23.08 -5.67 45.50
N GLU E 51 -24.33 -5.49 45.92
CA GLU E 51 -24.98 -6.32 46.91
C GLU E 51 -26.22 -6.95 46.31
N GLY E 52 -26.40 -8.25 46.54
CA GLY E 52 -27.57 -8.94 46.04
C GLY E 52 -27.32 -10.44 45.98
N GLU E 53 -27.98 -11.08 45.03
CA GLU E 53 -27.80 -12.50 44.75
C GLU E 53 -27.10 -12.64 43.42
N PHE E 54 -25.95 -13.32 43.43
CA PHE E 54 -25.12 -13.45 42.24
C PHE E 54 -24.65 -14.89 42.11
N GLU E 55 -24.70 -15.40 40.89
CA GLU E 55 -24.16 -16.70 40.56
C GLU E 55 -23.18 -16.57 39.40
N GLY E 56 -22.17 -17.41 39.42
CA GLY E 56 -21.10 -17.32 38.44
C GLY E 56 -20.71 -18.70 37.96
N VAL E 57 -20.23 -18.75 36.72
CA VAL E 57 -19.91 -20.00 36.05
C VAL E 57 -18.65 -19.80 35.23
N ASN E 58 -17.66 -20.64 35.48
CA ASN E 58 -16.48 -20.71 34.63
C ASN E 58 -16.75 -21.66 33.47
N ILE E 59 -16.18 -21.34 32.33
CA ILE E 59 -16.48 -22.07 31.10
C ILE E 59 -15.40 -23.07 30.74
N ALA E 60 -14.17 -22.89 31.23
CA ALA E 60 -13.13 -23.89 31.04
C ALA E 60 -13.18 -24.99 32.08
N THR E 61 -14.01 -24.84 33.11
CA THR E 61 -14.14 -25.84 34.16
C THR E 61 -15.58 -26.20 34.49
N GLY E 62 -16.56 -25.36 34.14
CA GLY E 62 -17.93 -25.61 34.52
C GLY E 62 -18.25 -25.35 35.97
N GLU E 63 -17.26 -24.92 36.75
CA GLU E 63 -17.50 -24.65 38.17
C GLU E 63 -18.53 -23.55 38.32
N VAL E 64 -19.38 -23.70 39.33
CA VAL E 64 -20.46 -22.76 39.62
C VAL E 64 -20.21 -22.15 40.98
N PHE E 65 -20.32 -20.82 41.05
CA PHE E 65 -20.08 -20.07 42.26
C PHE E 65 -21.30 -19.23 42.59
N ARG E 66 -21.37 -18.79 43.83
CA ARG E 66 -22.46 -17.96 44.29
C ARG E 66 -21.97 -17.06 45.42
N SER E 67 -22.48 -15.84 45.45
CA SER E 67 -22.03 -14.85 46.41
C SER E 67 -23.14 -13.83 46.65
N GLY E 68 -22.89 -12.94 47.59
CA GLY E 68 -23.75 -11.81 47.83
C GLY E 68 -23.06 -10.50 47.51
N ALA E 69 -21.80 -10.59 47.08
CA ALA E 69 -21.01 -9.44 46.68
C ALA E 69 -20.44 -9.66 45.30
N LEU E 70 -20.22 -8.55 44.59
CA LEU E 70 -19.75 -8.61 43.21
C LEU E 70 -18.90 -7.39 42.92
N ILE E 71 -17.69 -7.61 42.42
CA ILE E 71 -16.85 -6.57 41.86
C ILE E 71 -16.54 -6.93 40.42
N LEU E 72 -16.84 -6.03 39.51
CA LEU E 72 -16.65 -6.22 38.09
C LEU E 72 -15.58 -5.29 37.55
N PRO E 73 -15.09 -5.55 36.35
CA PRO E 73 -14.25 -4.57 35.66
C PRO E 73 -14.98 -3.26 35.46
N LYS E 74 -14.23 -2.26 34.99
CA LYS E 74 -14.74 -0.89 34.96
C LYS E 74 -15.87 -0.72 33.95
N VAL E 75 -15.80 -1.41 32.81
CA VAL E 75 -16.80 -1.22 31.76
C VAL E 75 -18.15 -1.80 32.20
N LEU E 76 -18.15 -3.09 32.58
CA LEU E 76 -19.36 -3.70 33.08
C LEU E 76 -19.87 -2.96 34.30
N GLU E 77 -18.93 -2.49 35.15
CA GLU E 77 -19.32 -1.72 36.32
C GLU E 77 -20.08 -0.47 35.92
N SER E 78 -19.57 0.27 34.94
CA SER E 78 -20.22 1.49 34.51
C SER E 78 -21.62 1.19 33.97
N LEU E 79 -21.71 0.17 33.12
CA LEU E 79 -23.01 -0.16 32.53
C LEU E 79 -24.03 -0.51 33.62
N LEU E 80 -23.66 -1.46 34.49
CA LEU E 80 -24.61 -1.90 35.52
C LEU E 80 -24.95 -0.77 36.47
N ALA E 81 -23.96 0.02 36.88
CA ALA E 81 -24.23 1.12 37.80
C ALA E 81 -25.18 2.13 37.18
N GLY E 82 -24.99 2.45 35.90
CA GLY E 82 -25.97 3.25 35.20
C GLY E 82 -27.32 2.58 35.14
N ALA E 83 -27.36 1.26 35.23
CA ALA E 83 -28.62 0.53 35.22
C ALA E 83 -29.28 0.40 36.58
N VAL E 84 -28.61 0.78 37.67
CA VAL E 84 -29.13 0.65 39.02
C VAL E 84 -29.05 1.99 39.73
N ASP E 85 -30.15 2.37 40.39
CA ASP E 85 -30.17 3.58 41.19
C ASP E 85 -31.37 3.50 42.14
N GLY E 86 -31.10 3.46 43.44
CA GLY E 86 -32.16 3.54 44.43
C GLY E 86 -32.56 2.21 45.04
N GLU E 87 -33.85 2.07 45.32
CA GLU E 87 -34.38 0.89 45.99
C GLU E 87 -34.77 -0.22 45.02
N ASN E 88 -34.77 0.04 43.71
CA ASN E 88 -35.17 -0.95 42.75
C ASN E 88 -34.16 -2.10 42.69
N THR E 89 -34.67 -3.30 42.48
CA THR E 89 -33.84 -4.49 42.34
C THR E 89 -33.67 -4.79 40.86
N VAL E 90 -32.42 -4.88 40.41
CA VAL E 90 -32.07 -4.92 39.00
C VAL E 90 -31.56 -6.32 38.66
N ASP E 91 -32.18 -6.94 37.66
CA ASP E 91 -31.74 -8.23 37.15
C ASP E 91 -30.77 -8.02 35.99
N PHE E 92 -29.74 -8.86 35.94
CA PHE E 92 -28.72 -8.74 34.91
C PHE E 92 -28.11 -10.09 34.63
N ALA E 93 -27.54 -10.22 33.44
CA ALA E 93 -26.90 -11.44 32.99
C ALA E 93 -25.98 -11.10 31.84
N VAL E 94 -24.72 -11.51 31.93
CA VAL E 94 -23.72 -11.14 30.94
C VAL E 94 -22.71 -12.26 30.81
N GLU E 95 -22.10 -12.35 29.64
CA GLU E 95 -21.01 -13.26 29.36
C GLU E 95 -19.74 -12.43 29.13
N ILE E 96 -18.67 -12.77 29.84
CA ILE E 96 -17.44 -12.01 29.83
C ILE E 96 -16.44 -12.69 28.92
N TRP E 97 -15.84 -11.93 28.02
CA TRP E 97 -14.88 -12.42 27.05
C TRP E 97 -13.52 -11.79 27.30
N ALA E 98 -12.54 -12.29 26.57
CA ALA E 98 -11.18 -11.77 26.61
C ALA E 98 -10.67 -11.65 25.19
N LYS E 99 -10.11 -10.50 24.85
CA LYS E 99 -9.62 -10.22 23.52
C LYS E 99 -8.17 -9.77 23.60
N PRO E 100 -7.33 -10.13 22.63
CA PRO E 100 -5.95 -9.65 22.65
C PRO E 100 -5.88 -8.13 22.56
N SER E 101 -4.89 -7.57 23.23
CA SER E 101 -4.71 -6.12 23.31
C SER E 101 -3.22 -5.81 23.21
N GLU E 102 -2.76 -5.56 21.99
CA GLU E 102 -1.43 -5.01 21.81
C GLU E 102 -1.37 -3.63 22.45
N LYS E 103 -0.21 -3.32 23.04
CA LYS E 103 -0.01 -2.11 23.81
C LYS E 103 -0.75 -2.17 25.15
N GLY E 104 -0.95 -3.37 25.65
CA GLY E 104 -1.58 -3.57 26.95
C GLY E 104 -0.61 -4.20 27.93
N ASN E 105 -0.70 -3.78 29.19
CA ASN E 105 0.18 -4.32 30.22
C ASN E 105 -0.15 -5.76 30.57
N THR E 106 -1.32 -6.25 30.18
CA THR E 106 -1.70 -7.64 30.40
C THR E 106 -1.77 -8.46 29.13
N GLY E 107 -1.97 -7.82 27.98
CA GLY E 107 -2.10 -8.50 26.73
C GLY E 107 -3.51 -8.85 26.34
N TYR E 108 -4.50 -8.44 27.12
CA TYR E 108 -5.89 -8.74 26.81
C TYR E 108 -6.78 -7.59 27.25
N GLU E 109 -7.94 -7.51 26.63
CA GLU E 109 -8.99 -6.58 27.01
C GLU E 109 -10.30 -7.34 27.13
N TYR E 110 -11.09 -6.97 28.12
CA TYR E 110 -12.33 -7.68 28.40
C TYR E 110 -13.45 -7.25 27.47
N GLY E 111 -14.29 -8.21 27.10
CA GLY E 111 -15.45 -7.96 26.30
C GLY E 111 -16.74 -8.29 27.04
N VAL E 112 -17.85 -7.71 26.59
CA VAL E 112 -19.14 -7.87 27.24
C VAL E 112 -20.16 -8.26 26.18
N LYS E 113 -20.73 -9.46 26.32
CA LYS E 113 -21.81 -9.92 25.48
C LYS E 113 -23.03 -10.24 26.33
N PRO E 114 -24.00 -9.32 26.44
CA PRO E 114 -25.15 -9.59 27.31
C PRO E 114 -26.01 -10.73 26.81
N LEU E 115 -26.70 -11.37 27.74
CA LEU E 115 -27.57 -12.49 27.45
C LEU E 115 -29.05 -12.13 27.50
N ILE E 116 -29.39 -11.02 28.15
CA ILE E 116 -30.73 -10.45 28.07
C ILE E 116 -30.71 -9.34 27.03
N GLU E 117 -31.65 -9.36 26.11
CA GLU E 117 -31.73 -8.32 25.11
C GLU E 117 -31.96 -6.98 25.80
N PRO E 118 -31.13 -5.96 25.55
CA PRO E 118 -31.30 -4.69 26.22
C PRO E 118 -32.34 -3.82 25.52
N ALA E 119 -32.59 -2.66 26.11
CA ALA E 119 -33.65 -1.77 25.65
C ALA E 119 -33.12 -0.84 24.58
N ALA E 120 -33.81 -0.79 23.45
CA ALA E 120 -33.47 0.08 22.33
C ALA E 120 -34.68 0.93 21.99
N SER E 121 -34.43 2.21 21.71
CA SER E 121 -35.51 3.13 21.38
C SER E 121 -36.20 2.82 20.07
N ASP E 122 -37.45 3.26 19.95
CA ASP E 122 -38.21 3.02 18.73
C ASP E 122 -37.56 3.67 17.52
N GLU E 123 -36.80 4.74 17.75
CA GLU E 123 -36.17 5.45 16.65
C GLU E 123 -35.08 4.61 15.99
N LEU E 124 -34.20 4.02 16.80
CA LEU E 124 -33.16 3.16 16.24
C LEU E 124 -33.77 1.89 15.66
N ALA E 125 -34.89 1.43 16.21
CA ALA E 125 -35.63 0.34 15.57
C ALA E 125 -36.09 0.74 14.18
N ALA E 126 -36.61 1.96 14.03
CA ALA E 126 -36.97 2.47 12.72
C ALA E 126 -35.76 2.49 11.80
N LEU E 127 -34.60 2.90 12.33
CA LEU E 127 -33.40 2.91 11.51
C LEU E 127 -33.03 1.52 11.03
N ARG E 128 -33.09 0.54 11.92
CA ARG E 128 -32.78 -0.84 11.52
C ARG E 128 -33.77 -1.32 10.47
N ASN E 129 -35.04 -0.95 10.62
CA ASN E 129 -36.03 -1.32 9.62
C ASN E 129 -35.70 -0.71 8.26
N GLN E 130 -35.32 0.57 8.25
CA GLN E 130 -34.95 1.21 7.00
C GLN E 130 -33.73 0.54 6.37
N VAL E 131 -32.74 0.18 7.18
CA VAL E 131 -31.56 -0.50 6.65
C VAL E 131 -31.95 -1.82 6.02
N LYS E 132 -32.83 -2.58 6.68
CA LYS E 132 -33.24 -3.89 6.19
C LYS E 132 -34.18 -3.82 4.99
N ALA E 133 -34.48 -2.63 4.49
CA ALA E 133 -35.45 -2.48 3.41
C ALA E 133 -34.79 -2.47 2.03
N ALA E 134 -33.75 -1.65 1.86
CA ALA E 134 -33.13 -1.48 0.55
C ALA E 134 -32.58 -2.81 0.02
N LEU E 135 -31.61 -3.38 0.72
CA LEU E 135 -30.97 -4.62 0.28
C LEU E 135 -31.65 -5.83 0.92
N MET F 1 5.96 -15.64 -52.67
CA MET F 1 7.05 -14.63 -52.66
C MET F 1 6.61 -13.35 -53.36
N GLU F 2 6.86 -12.22 -52.71
CA GLU F 2 6.54 -10.92 -53.25
C GLU F 2 7.79 -10.04 -53.18
N ILE F 3 8.17 -9.49 -54.33
CA ILE F 3 9.32 -8.61 -54.42
C ILE F 3 8.87 -7.18 -54.12
N VAL F 4 9.61 -6.52 -53.22
CA VAL F 4 9.26 -5.19 -52.74
C VAL F 4 10.47 -4.28 -52.91
N SER F 5 10.21 -3.02 -53.26
CA SER F 5 11.29 -2.05 -53.41
C SER F 5 12.02 -1.83 -52.09
N LYS F 6 11.28 -1.68 -51.00
CA LYS F 6 11.86 -1.56 -49.68
C LYS F 6 11.07 -2.42 -48.71
N LEU F 7 11.77 -3.07 -47.81
CA LEU F 7 11.16 -3.97 -46.84
C LEU F 7 10.90 -3.22 -45.55
N THR F 8 9.63 -3.15 -45.16
CA THR F 8 9.23 -2.49 -43.92
C THR F 8 8.09 -3.28 -43.32
N LEU F 9 7.83 -3.02 -42.04
CA LEU F 9 6.68 -3.63 -41.38
C LEU F 9 5.39 -3.26 -42.11
N LYS F 10 5.35 -2.09 -42.74
CA LYS F 10 4.17 -1.69 -43.50
C LYS F 10 4.10 -2.43 -44.84
N THR F 11 5.25 -2.62 -45.49
CA THR F 11 5.26 -3.33 -46.76
C THR F 11 4.78 -4.77 -46.60
N ILE F 12 5.22 -5.44 -45.54
CA ILE F 12 4.90 -6.84 -45.33
C ILE F 12 3.65 -6.99 -44.49
N GLY F 13 2.93 -5.88 -44.31
CA GLY F 13 1.66 -5.94 -43.59
C GLY F 13 1.78 -6.36 -42.15
N ALA F 14 2.85 -5.95 -41.48
CA ALA F 14 3.08 -6.32 -40.09
C ALA F 14 2.89 -5.17 -39.12
N GLN F 15 2.74 -3.95 -39.60
CA GLN F 15 2.59 -2.81 -38.72
C GLN F 15 1.23 -2.88 -38.03
N PRO F 16 1.17 -2.90 -36.71
CA PRO F 16 -0.14 -2.96 -36.05
C PRO F 16 -0.92 -1.68 -36.24
N LYS F 17 -2.24 -1.82 -36.19
CA LYS F 17 -3.09 -0.65 -36.18
C LYS F 17 -3.01 0.02 -34.81
N PRO F 18 -3.09 1.36 -34.76
CA PRO F 18 -2.96 2.03 -33.46
C PRO F 18 -4.02 1.55 -32.48
N HIS F 19 -3.59 1.41 -31.23
CA HIS F 19 -4.47 1.01 -30.14
C HIS F 19 -5.10 -0.36 -30.43
N SER F 20 -4.23 -1.32 -30.70
CA SER F 20 -4.67 -2.66 -31.07
C SER F 20 -3.91 -3.78 -30.37
N VAL F 21 -2.81 -3.50 -29.69
CA VAL F 21 -2.01 -4.54 -29.04
C VAL F 21 -2.48 -4.68 -27.61
N LYS F 22 -3.12 -5.80 -27.30
CA LYS F 22 -3.54 -6.13 -25.95
C LYS F 22 -2.59 -7.07 -25.24
N GLU F 23 -1.74 -7.78 -26.00
CA GLU F 23 -0.75 -8.68 -25.42
C GLU F 23 0.44 -8.75 -26.36
N ASN F 24 1.56 -9.19 -25.82
CA ASN F 24 2.77 -9.30 -26.63
C ASN F 24 2.54 -10.25 -27.79
N THR F 25 3.02 -9.87 -28.96
CA THR F 25 2.74 -10.60 -30.18
C THR F 25 3.88 -10.42 -31.16
N ALA F 26 4.24 -11.50 -31.84
CA ALA F 26 5.24 -11.46 -32.89
C ALA F 26 4.59 -11.05 -34.21
N LEU F 27 5.30 -10.23 -34.98
CA LEU F 27 4.81 -9.71 -36.23
C LEU F 27 5.56 -10.23 -37.43
N ALA F 28 6.89 -10.23 -37.40
CA ALA F 28 7.68 -10.52 -38.58
C ALA F 28 9.00 -11.16 -38.18
N SER F 29 9.59 -11.86 -39.13
CA SER F 29 10.94 -12.39 -39.03
C SER F 29 11.73 -11.92 -40.23
N ILE F 30 12.85 -11.25 -39.98
CA ILE F 30 13.64 -10.63 -41.03
C ILE F 30 15.06 -11.14 -40.92
N TYR F 31 15.58 -11.66 -42.03
CA TYR F 31 16.95 -12.13 -42.12
C TYR F 31 17.51 -11.71 -43.47
N GLY F 32 18.83 -11.55 -43.51
CA GLY F 32 19.47 -11.15 -44.75
C GLY F 32 20.94 -10.88 -44.53
N ARG F 33 21.55 -10.33 -45.58
CA ARG F 33 22.94 -9.92 -45.56
C ARG F 33 23.02 -8.46 -45.95
N VAL F 34 23.87 -7.71 -45.25
CA VAL F 34 23.99 -6.27 -45.40
C VAL F 34 25.34 -5.95 -46.00
N ARG F 35 25.34 -5.14 -47.05
CA ARG F 35 26.56 -4.70 -47.71
C ARG F 35 26.92 -3.25 -47.38
N GLY F 36 25.91 -2.38 -47.22
CA GLY F 36 26.17 -0.99 -46.95
C GLY F 36 24.97 -0.34 -46.30
N LYS F 37 25.14 0.94 -45.98
CA LYS F 37 24.11 1.73 -45.33
C LYS F 37 24.13 3.15 -45.89
N LYS F 38 22.96 3.78 -45.87
CA LYS F 38 22.82 5.17 -46.26
C LYS F 38 21.88 5.86 -45.28
N VAL F 39 22.14 7.14 -45.04
CA VAL F 39 21.41 7.93 -44.06
C VAL F 39 20.50 8.89 -44.80
N GLY F 40 19.23 8.91 -44.40
CA GLY F 40 18.26 9.77 -45.02
C GLY F 40 17.48 10.56 -43.99
N GLN F 41 16.85 11.63 -44.46
CA GLN F 41 16.13 12.56 -43.59
C GLN F 41 14.64 12.48 -43.87
N SER F 42 13.84 12.64 -42.83
CA SER F 42 12.40 12.65 -42.94
C SER F 42 11.85 13.67 -41.95
N THR F 43 10.52 13.75 -41.89
CA THR F 43 9.88 14.70 -40.97
C THR F 43 10.21 14.35 -39.53
N PHE F 44 10.28 13.06 -39.22
CA PHE F 44 10.41 12.59 -37.85
C PHE F 44 11.86 12.35 -37.43
N GLY F 45 12.82 12.64 -38.29
CA GLY F 45 14.23 12.51 -37.99
C GLY F 45 14.96 11.83 -39.10
N ASP F 46 16.20 11.44 -38.80
CA ASP F 46 17.05 10.73 -39.74
C ASP F 46 16.85 9.23 -39.60
N PHE F 47 17.13 8.51 -40.68
CA PHE F 47 16.96 7.07 -40.70
C PHE F 47 18.04 6.46 -41.59
N ILE F 48 18.29 5.18 -41.38
CA ILE F 48 19.26 4.42 -42.14
C ILE F 48 18.53 3.44 -43.04
N LYS F 49 18.97 3.36 -44.29
CA LYS F 49 18.45 2.42 -45.26
C LYS F 49 19.57 1.47 -45.65
N PHE F 50 19.31 0.18 -45.62
CA PHE F 50 20.32 -0.84 -45.81
C PHE F 50 20.23 -1.45 -47.19
N GLU F 51 21.39 -1.90 -47.69
CA GLU F 51 21.51 -2.50 -49.01
C GLU F 51 22.05 -3.92 -48.87
N GLY F 52 21.43 -4.86 -49.57
CA GLY F 52 21.88 -6.24 -49.55
C GLY F 52 20.77 -7.17 -50.00
N GLU F 53 20.79 -8.38 -49.46
CA GLU F 53 19.76 -9.38 -49.70
C GLU F 53 18.96 -9.57 -48.42
N PHE F 54 17.65 -9.35 -48.51
CA PHE F 54 16.78 -9.41 -47.35
C PHE F 54 15.53 -10.19 -47.68
N GLU F 55 15.11 -11.04 -46.76
CA GLU F 55 13.87 -11.77 -46.86
C GLU F 55 13.05 -11.52 -45.60
N GLY F 56 11.74 -11.50 -45.78
CA GLY F 56 10.83 -11.18 -44.69
C GLY F 56 9.64 -12.10 -44.70
N VAL F 57 9.09 -12.31 -43.51
CA VAL F 57 8.01 -13.27 -43.29
C VAL F 57 7.04 -12.68 -42.30
N ASN F 58 5.77 -12.59 -42.69
CA ASN F 58 4.71 -12.25 -41.76
C ASN F 58 4.21 -13.52 -41.08
N ILE F 59 3.82 -13.39 -39.83
CA ILE F 59 3.47 -14.55 -39.01
C ILE F 59 1.97 -14.75 -38.89
N ALA F 60 1.18 -13.71 -39.09
CA ALA F 60 -0.28 -13.86 -39.14
C ALA F 60 -0.78 -14.27 -40.52
N THR F 61 0.09 -14.29 -41.52
CA THR F 61 -0.28 -14.67 -42.87
C THR F 61 0.67 -15.66 -43.51
N GLY F 62 1.90 -15.79 -43.03
CA GLY F 62 2.89 -16.64 -43.66
C GLY F 62 3.45 -16.10 -44.94
N GLU F 63 3.04 -14.91 -45.37
CA GLU F 63 3.54 -14.33 -46.60
C GLU F 63 5.04 -14.10 -46.49
N VAL F 64 5.74 -14.33 -47.60
CA VAL F 64 7.18 -14.21 -47.67
C VAL F 64 7.51 -13.10 -48.66
N PHE F 65 8.41 -12.21 -48.26
CA PHE F 65 8.82 -11.07 -49.06
C PHE F 65 10.33 -11.08 -49.23
N ARG F 66 10.78 -10.34 -50.23
CA ARG F 66 12.20 -10.24 -50.50
C ARG F 66 12.49 -8.88 -51.13
N SER F 67 13.63 -8.31 -50.78
CA SER F 67 13.99 -6.98 -51.24
C SER F 67 15.50 -6.83 -51.25
N GLY F 68 15.95 -5.70 -51.76
CA GLY F 68 17.34 -5.31 -51.68
C GLY F 68 17.54 -4.10 -50.81
N ALA F 69 16.45 -3.57 -50.26
CA ALA F 69 16.47 -2.43 -49.37
C ALA F 69 15.73 -2.77 -48.09
N LEU F 70 16.14 -2.12 -47.00
CA LEU F 70 15.57 -2.40 -45.69
C LEU F 70 15.61 -1.15 -44.85
N ILE F 71 14.46 -0.77 -44.29
CA ILE F 71 14.36 0.26 -43.28
C ILE F 71 13.73 -0.34 -42.05
N LEU F 72 14.41 -0.23 -40.91
CA LEU F 72 13.98 -0.79 -39.66
C LEU F 72 13.63 0.30 -38.65
N PRO F 73 12.95 -0.04 -37.58
CA PRO F 73 12.79 0.91 -36.47
C PRO F 73 14.13 1.32 -35.91
N LYS F 74 14.09 2.29 -35.00
CA LYS F 74 15.32 2.95 -34.55
C LYS F 74 16.19 2.02 -33.71
N VAL F 75 15.59 1.14 -32.90
CA VAL F 75 16.38 0.28 -32.03
C VAL F 75 17.14 -0.77 -32.84
N LEU F 76 16.40 -1.53 -33.65
CA LEU F 76 17.05 -2.51 -34.52
C LEU F 76 18.04 -1.82 -35.45
N GLU F 77 17.69 -0.63 -35.92
CA GLU F 77 18.59 0.14 -36.77
C GLU F 77 19.90 0.42 -36.05
N SER F 78 19.82 0.88 -34.80
CA SER F 78 21.03 1.19 -34.06
C SER F 78 21.88 -0.05 -33.87
N LEU F 79 21.25 -1.16 -33.47
CA LEU F 79 22.01 -2.38 -33.25
C LEU F 79 22.72 -2.84 -34.53
N LEU F 80 21.97 -2.96 -35.62
CA LEU F 80 22.56 -3.45 -36.86
C LEU F 80 23.64 -2.50 -37.37
N ALA F 81 23.37 -1.18 -37.32
CA ALA F 81 24.35 -0.21 -37.79
C ALA F 81 25.64 -0.31 -37.00
N GLY F 82 25.53 -0.44 -35.67
CA GLY F 82 26.70 -0.73 -34.88
C GLY F 82 27.36 -2.02 -35.25
N ALA F 83 26.60 -2.95 -35.84
CA ALA F 83 27.16 -4.23 -36.27
C ALA F 83 27.75 -4.20 -37.68
N VAL F 84 27.58 -3.11 -38.43
CA VAL F 84 28.08 -3.02 -39.80
C VAL F 84 28.91 -1.76 -39.95
N ASP F 85 30.07 -1.90 -40.58
CA ASP F 85 30.91 -0.74 -40.88
C ASP F 85 31.92 -1.15 -41.94
N GLY F 86 31.83 -0.54 -43.12
CA GLY F 86 32.83 -0.73 -44.16
C GLY F 86 32.42 -1.69 -45.25
N GLU F 87 33.39 -2.45 -45.76
CA GLU F 87 33.16 -3.36 -46.88
C GLU F 87 32.70 -4.74 -46.46
N ASN F 88 32.71 -5.04 -45.17
CA ASN F 88 32.31 -6.36 -44.70
C ASN F 88 30.82 -6.58 -44.92
N THR F 89 30.46 -7.82 -45.24
CA THR F 89 29.07 -8.22 -45.42
C THR F 89 28.59 -8.89 -44.13
N VAL F 90 27.50 -8.37 -43.59
CA VAL F 90 27.04 -8.73 -42.25
C VAL F 90 25.75 -9.54 -42.38
N ASP F 91 25.75 -10.72 -41.78
CA ASP F 91 24.56 -11.56 -41.72
C ASP F 91 23.79 -11.28 -40.43
N PHE F 92 22.46 -11.27 -40.54
CA PHE F 92 21.62 -10.97 -39.41
C PHE F 92 20.28 -11.67 -39.55
N ALA F 93 19.63 -11.87 -38.42
CA ALA F 93 18.32 -12.52 -38.37
C ALA F 93 17.68 -12.18 -37.05
N VAL F 94 16.45 -11.67 -37.10
CA VAL F 94 15.76 -11.19 -35.91
C VAL F 94 14.27 -11.43 -36.06
N GLU F 95 13.61 -11.57 -34.92
CA GLU F 95 12.15 -11.66 -34.85
C GLU F 95 11.64 -10.41 -34.14
N ILE F 96 10.67 -9.75 -34.76
CA ILE F 96 10.16 -8.47 -34.30
C ILE F 96 8.85 -8.71 -33.57
N TRP F 97 8.73 -8.14 -32.37
CA TRP F 97 7.57 -8.28 -31.52
C TRP F 97 6.90 -6.93 -31.32
N ALA F 98 5.73 -6.97 -30.70
CA ALA F 98 4.99 -5.78 -30.34
C ALA F 98 4.49 -5.93 -28.92
N LYS F 99 4.70 -4.91 -28.11
CA LYS F 99 4.33 -4.91 -26.70
C LYS F 99 3.47 -3.69 -26.41
N PRO F 100 2.47 -3.83 -25.54
CA PRO F 100 1.67 -2.66 -25.17
C PRO F 100 2.53 -1.57 -24.52
N SER F 101 2.16 -0.32 -24.79
CA SER F 101 2.91 0.84 -24.30
C SER F 101 1.90 1.90 -23.88
N GLU F 102 1.54 1.89 -22.60
CA GLU F 102 0.81 3.02 -22.04
C GLU F 102 1.65 4.27 -22.11
N LYS F 103 1.01 5.40 -22.37
CA LYS F 103 1.67 6.68 -22.61
C LYS F 103 2.37 6.69 -23.97
N GLY F 104 1.85 5.91 -24.91
CA GLY F 104 2.39 5.88 -26.26
C GLY F 104 1.36 6.38 -27.26
N ASN F 105 1.83 7.10 -28.27
CA ASN F 105 0.93 7.64 -29.29
C ASN F 105 0.36 6.55 -30.18
N THR F 106 0.94 5.35 -30.18
CA THR F 106 0.43 4.23 -30.94
C THR F 106 -0.16 3.13 -30.08
N GLY F 107 0.26 3.03 -28.83
CA GLY F 107 -0.20 2.00 -27.94
C GLY F 107 0.66 0.76 -27.91
N TYR F 108 1.78 0.75 -28.63
CA TYR F 108 2.65 -0.41 -28.66
C TYR F 108 4.10 0.05 -28.76
N GLU F 109 4.99 -0.83 -28.34
CA GLU F 109 6.43 -0.65 -28.49
C GLU F 109 7.02 -1.92 -29.07
N TYR F 110 7.99 -1.76 -29.96
CA TYR F 110 8.56 -2.89 -30.66
C TYR F 110 9.59 -3.61 -29.81
N GLY F 111 9.64 -4.93 -29.95
CA GLY F 111 10.62 -5.76 -29.28
C GLY F 111 11.52 -6.47 -30.26
N VAL F 112 12.69 -6.90 -29.80
CA VAL F 112 13.69 -7.53 -30.64
C VAL F 112 14.13 -8.82 -29.97
N LYS F 113 13.89 -9.95 -30.63
CA LYS F 113 14.36 -11.25 -30.17
C LYS F 113 15.23 -11.86 -31.25
N PRO F 114 16.55 -11.76 -31.16
CA PRO F 114 17.40 -12.31 -32.21
C PRO F 114 17.33 -13.82 -32.29
N LEU F 115 17.60 -14.33 -33.49
CA LEU F 115 17.59 -15.76 -33.76
C LEU F 115 18.97 -16.36 -33.89
N ILE F 116 19.99 -15.54 -34.12
CA ILE F 116 21.38 -15.96 -34.04
C ILE F 116 21.91 -15.55 -32.68
N GLU F 117 22.53 -16.48 -31.98
CA GLU F 117 23.11 -16.17 -30.68
C GLU F 117 24.18 -15.09 -30.85
N PRO F 118 24.10 -13.97 -30.13
CA PRO F 118 25.08 -12.91 -30.31
C PRO F 118 26.35 -13.18 -29.50
N ALA F 119 27.32 -12.29 -29.66
CA ALA F 119 28.63 -12.46 -29.06
C ALA F 119 28.65 -11.89 -27.64
N ALA F 120 29.10 -12.70 -26.69
CA ALA F 120 29.23 -12.30 -25.31
C ALA F 120 30.65 -12.55 -24.85
N SER F 121 31.19 -11.60 -24.08
CA SER F 121 32.56 -11.71 -23.62
C SER F 121 32.77 -12.85 -22.61
N ASP F 122 34.01 -13.31 -22.53
CA ASP F 122 34.32 -14.41 -21.60
C ASP F 122 34.06 -14.00 -20.17
N GLU F 123 34.13 -12.71 -19.87
CA GLU F 123 33.93 -12.25 -18.50
C GLU F 123 32.49 -12.44 -18.05
N LEU F 124 31.53 -12.02 -18.87
CA LEU F 124 30.13 -12.23 -18.53
C LEU F 124 29.77 -13.71 -18.55
N ALA F 125 30.45 -14.49 -19.38
CA ALA F 125 30.30 -15.94 -19.31
C ALA F 125 30.75 -16.47 -17.95
N ALA F 126 31.89 -15.97 -17.45
CA ALA F 126 32.32 -16.31 -16.10
C ALA F 126 31.27 -15.92 -15.07
N LEU F 127 30.66 -14.75 -15.24
CA LEU F 127 29.62 -14.32 -14.31
C LEU F 127 28.43 -15.27 -14.33
N ARG F 128 27.99 -15.67 -15.52
CA ARG F 128 26.88 -16.61 -15.60
C ARG F 128 27.24 -17.94 -14.96
N ASN F 129 28.48 -18.38 -15.14
CA ASN F 129 28.92 -19.60 -14.50
C ASN F 129 28.88 -19.49 -12.98
N GLN F 130 29.34 -18.36 -12.45
CA GLN F 130 29.30 -18.15 -11.00
C GLN F 130 27.86 -18.14 -10.49
N VAL F 131 26.96 -17.50 -11.24
CA VAL F 131 25.55 -17.48 -10.82
C VAL F 131 24.99 -18.89 -10.79
N LYS F 132 25.30 -19.70 -11.80
CA LYS F 132 24.78 -21.06 -11.89
C LYS F 132 25.43 -22.02 -10.90
N ALA F 133 26.32 -21.55 -10.04
CA ALA F 133 27.05 -22.42 -9.13
C ALA F 133 26.37 -22.54 -7.77
N ALA F 134 26.03 -21.42 -7.16
CA ALA F 134 25.48 -21.41 -5.81
C ALA F 134 24.19 -22.21 -5.73
N LEU F 135 23.16 -21.77 -6.45
CA LEU F 135 21.86 -22.44 -6.39
C LEU F 135 21.74 -23.46 -7.52
N MET G 1 -26.63 5.29 -4.36
CA MET G 1 -25.98 6.61 -4.17
C MET G 1 -24.68 6.45 -3.39
N GLU G 2 -23.63 7.06 -3.90
CA GLU G 2 -22.32 7.06 -3.26
C GLU G 2 -21.83 8.49 -3.13
N ILE G 3 -21.48 8.87 -1.91
CA ILE G 3 -20.96 10.20 -1.63
C ILE G 3 -19.45 10.19 -1.82
N VAL G 4 -18.95 11.16 -2.58
CA VAL G 4 -17.55 11.24 -2.95
C VAL G 4 -17.02 12.62 -2.60
N SER G 5 -15.77 12.67 -2.15
CA SER G 5 -15.15 13.95 -1.80
C SER G 5 -15.04 14.85 -3.03
N LYS G 6 -14.61 14.29 -4.16
CA LYS G 6 -14.55 15.02 -5.41
C LYS G 6 -15.07 14.12 -6.52
N LEU G 7 -15.83 14.72 -7.43
CA LEU G 7 -16.45 13.99 -8.52
C LEU G 7 -15.56 14.08 -9.75
N THR G 8 -15.10 12.93 -10.24
CA THR G 8 -14.28 12.86 -11.42
C THR G 8 -14.66 11.60 -12.20
N LEU G 9 -14.25 11.56 -13.46
CA LEU G 9 -14.45 10.37 -14.25
C LEU G 9 -13.81 9.15 -13.61
N LYS G 10 -12.72 9.36 -12.85
CA LYS G 10 -12.08 8.26 -12.16
C LYS G 10 -12.86 7.86 -10.91
N THR G 11 -13.41 8.84 -10.19
CA THR G 11 -14.20 8.52 -9.01
C THR G 11 -15.44 7.70 -9.35
N ILE G 12 -16.12 8.05 -10.44
CA ILE G 12 -17.36 7.39 -10.81
C ILE G 12 -17.08 6.25 -11.77
N GLY G 13 -15.82 5.86 -11.89
CA GLY G 13 -15.46 4.71 -12.70
C GLY G 13 -15.78 4.86 -14.17
N ALA G 14 -15.65 6.07 -14.71
CA ALA G 14 -15.95 6.34 -16.11
C ALA G 14 -14.72 6.56 -16.96
N GLN G 15 -13.55 6.70 -16.37
CA GLN G 15 -12.34 6.95 -17.14
C GLN G 15 -11.98 5.70 -17.93
N PRO G 16 -11.88 5.76 -19.25
CA PRO G 16 -11.53 4.57 -20.02
C PRO G 16 -10.10 4.14 -19.76
N LYS G 17 -9.86 2.84 -19.93
CA LYS G 17 -8.51 2.34 -19.89
C LYS G 17 -7.78 2.73 -21.16
N PRO G 18 -6.48 3.03 -21.08
CA PRO G 18 -5.77 3.47 -22.28
C PRO G 18 -5.85 2.43 -23.40
N HIS G 19 -6.01 2.93 -24.62
CA HIS G 19 -6.07 2.10 -25.82
C HIS G 19 -7.23 1.09 -25.71
N SER G 20 -8.42 1.64 -25.48
CA SER G 20 -9.60 0.83 -25.30
C SER G 20 -10.83 1.33 -26.03
N VAL G 21 -10.82 2.53 -26.59
CA VAL G 21 -11.98 3.08 -27.27
C VAL G 21 -11.87 2.75 -28.75
N LYS G 22 -12.75 1.86 -29.22
CA LYS G 22 -12.84 1.51 -30.63
C LYS G 22 -13.96 2.25 -31.35
N GLU G 23 -14.92 2.80 -30.61
CA GLU G 23 -16.02 3.56 -31.19
C GLU G 23 -16.49 4.58 -30.18
N ASN G 24 -17.18 5.60 -30.66
CA ASN G 24 -17.67 6.65 -29.78
C ASN G 24 -18.62 6.05 -28.75
N THR G 25 -18.47 6.49 -27.50
CA THR G 25 -19.19 5.89 -26.39
C THR G 25 -19.41 6.94 -25.32
N ALA G 26 -20.59 6.92 -24.71
CA ALA G 26 -20.91 7.78 -23.60
C ALA G 26 -20.45 7.13 -22.30
N LEU G 27 -19.91 7.96 -21.40
CA LEU G 27 -19.37 7.49 -20.14
C LEU G 27 -20.18 7.94 -18.94
N ALA G 28 -20.53 9.22 -18.87
CA ALA G 28 -21.12 9.77 -17.67
C ALA G 28 -22.07 10.91 -18.03
N SER G 29 -22.97 11.19 -17.10
CA SER G 29 -23.85 12.35 -17.16
C SER G 29 -23.70 13.11 -15.85
N ILE G 30 -23.36 14.38 -15.94
CA ILE G 30 -23.05 15.20 -14.78
C ILE G 30 -23.93 16.44 -14.82
N TYR G 31 -24.67 16.67 -13.74
CA TYR G 31 -25.49 17.85 -13.59
C TYR G 31 -25.35 18.37 -12.17
N GLY G 32 -25.56 19.66 -12.00
CA GLY G 32 -25.46 20.25 -10.69
C GLY G 32 -25.59 21.76 -10.75
N ARG G 33 -25.31 22.39 -9.62
CA ARG G 33 -25.29 23.83 -9.48
C ARG G 33 -23.94 24.26 -8.93
N VAL G 34 -23.42 25.35 -9.48
CA VAL G 34 -22.07 25.82 -9.18
C VAL G 34 -22.19 27.15 -8.44
N ARG G 35 -21.49 27.25 -7.32
CA ARG G 35 -21.45 28.47 -6.52
C ARG G 35 -20.15 29.22 -6.67
N GLY G 36 -19.03 28.51 -6.81
CA GLY G 36 -17.74 29.16 -6.92
C GLY G 36 -16.73 28.26 -7.61
N LYS G 37 -15.53 28.79 -7.76
CA LYS G 37 -14.44 28.08 -8.41
C LYS G 37 -13.13 28.43 -7.71
N LYS G 38 -12.20 27.48 -7.76
CA LYS G 38 -10.85 27.68 -7.24
C LYS G 38 -9.86 27.07 -8.22
N VAL G 39 -8.69 27.68 -8.30
CA VAL G 39 -7.66 27.29 -9.25
C VAL G 39 -6.54 26.60 -8.49
N GLY G 40 -6.13 25.42 -8.98
CA GLY G 40 -5.09 24.66 -8.35
C GLY G 40 -4.05 24.23 -9.37
N GLN G 41 -2.88 23.87 -8.84
CA GLN G 41 -1.73 23.52 -9.66
C GLN G 41 -1.41 22.04 -9.50
N SER G 42 -0.96 21.42 -10.58
CA SER G 42 -0.56 20.03 -10.59
C SER G 42 0.65 19.88 -11.51
N THR G 43 1.09 18.63 -11.67
CA THR G 43 2.24 18.38 -12.53
C THR G 43 1.93 18.74 -13.97
N PHE G 44 0.71 18.50 -14.41
CA PHE G 44 0.32 18.65 -15.80
C PHE G 44 -0.27 20.02 -16.12
N GLY G 45 -0.33 20.91 -15.16
CA GLY G 45 -0.81 22.26 -15.37
C GLY G 45 -1.76 22.67 -14.28
N ASP G 46 -2.45 23.78 -14.52
CA ASP G 46 -3.43 24.31 -13.58
C ASP G 46 -4.81 23.73 -13.90
N PHE G 47 -5.66 23.69 -12.88
CA PHE G 47 -6.99 23.14 -13.02
C PHE G 47 -7.93 23.92 -12.12
N ILE G 48 -9.22 23.84 -12.44
CA ILE G 48 -10.27 24.49 -11.68
C ILE G 48 -11.09 23.44 -10.95
N LYS G 49 -11.37 23.70 -9.68
CA LYS G 49 -12.21 22.85 -8.86
C LYS G 49 -13.45 23.64 -8.48
N PHE G 50 -14.62 23.04 -8.66
CA PHE G 50 -15.89 23.73 -8.51
C PHE G 50 -16.55 23.33 -7.20
N GLU G 51 -17.34 24.26 -6.66
CA GLU G 51 -18.06 24.07 -5.41
C GLU G 51 -19.55 24.22 -5.65
N GLY G 52 -20.33 23.31 -5.09
CA GLY G 52 -21.78 23.38 -5.23
C GLY G 52 -22.40 22.01 -4.96
N GLU G 53 -23.52 21.77 -5.63
CA GLU G 53 -24.22 20.50 -5.57
C GLU G 53 -24.08 19.81 -6.91
N PHE G 54 -23.52 18.61 -6.91
CA PHE G 54 -23.24 17.87 -8.13
C PHE G 54 -23.67 16.43 -7.98
N GLU G 55 -24.30 15.91 -9.02
CA GLU G 55 -24.66 14.51 -9.10
C GLU G 55 -24.10 13.91 -10.38
N GLY G 56 -23.74 12.65 -10.31
CA GLY G 56 -23.09 11.99 -11.42
C GLY G 56 -23.65 10.59 -11.61
N VAL G 57 -23.61 10.13 -12.85
CA VAL G 57 -24.21 8.87 -13.25
C VAL G 57 -23.30 8.19 -14.25
N ASN G 58 -22.89 6.96 -13.96
CA ASN G 58 -22.21 6.13 -14.92
C ASN G 58 -23.24 5.38 -15.77
N ILE G 59 -22.91 5.18 -17.04
CA ILE G 59 -23.86 4.62 -17.98
C ILE G 59 -23.63 3.14 -18.24
N ALA G 60 -22.42 2.63 -18.00
CA ALA G 60 -22.17 1.20 -18.08
C ALA G 60 -22.53 0.47 -16.81
N THR G 61 -22.87 1.19 -15.74
CA THR G 61 -23.24 0.58 -14.47
C THR G 61 -24.50 1.17 -13.85
N GLY G 62 -24.91 2.36 -14.25
CA GLY G 62 -26.05 3.02 -13.64
C GLY G 62 -25.78 3.57 -12.26
N GLU G 63 -24.56 3.45 -11.76
CA GLU G 63 -24.25 3.96 -10.44
C GLU G 63 -24.43 5.47 -10.40
N VAL G 64 -24.93 5.95 -9.27
CA VAL G 64 -25.23 7.37 -9.07
C VAL G 64 -24.33 7.88 -7.95
N PHE G 65 -23.70 9.02 -8.19
CA PHE G 65 -22.78 9.62 -7.24
C PHE G 65 -23.21 11.04 -6.96
N ARG G 66 -22.71 11.58 -5.86
CA ARG G 66 -23.02 12.94 -5.45
C ARG G 66 -21.85 13.51 -4.68
N SER G 67 -21.59 14.80 -4.87
CA SER G 67 -20.45 15.44 -4.25
C SER G 67 -20.73 16.93 -4.10
N GLY G 68 -19.80 17.61 -3.45
CA GLY G 68 -19.80 19.06 -3.37
C GLY G 68 -18.63 19.66 -4.10
N ALA G 69 -17.79 18.81 -4.67
CA ALA G 69 -16.63 19.23 -5.44
C ALA G 69 -16.65 18.57 -6.81
N LEU G 70 -16.07 19.25 -7.78
CA LEU G 70 -16.07 18.76 -9.16
C LEU G 70 -14.80 19.23 -9.86
N ILE G 71 -14.09 18.28 -10.47
CA ILE G 71 -12.99 18.57 -11.38
C ILE G 71 -13.31 17.93 -12.70
N LEU G 72 -13.29 18.73 -13.76
CA LEU G 72 -13.62 18.30 -15.10
C LEU G 72 -12.40 18.36 -16.00
N PRO G 73 -12.46 17.73 -17.17
CA PRO G 73 -11.42 17.94 -18.18
C PRO G 73 -11.34 19.40 -18.58
N LYS G 74 -10.34 19.71 -19.39
CA LYS G 74 -10.01 21.10 -19.67
C LYS G 74 -11.08 21.79 -20.53
N VAL G 75 -11.69 21.06 -21.46
CA VAL G 75 -12.67 21.68 -22.37
C VAL G 75 -13.94 22.04 -21.60
N LEU G 76 -14.54 21.05 -20.94
CA LEU G 76 -15.72 21.32 -20.12
C LEU G 76 -15.40 22.36 -19.06
N GLU G 77 -14.20 22.29 -18.50
CA GLU G 77 -13.78 23.26 -17.50
C GLU G 77 -13.81 24.66 -18.08
N SER G 78 -13.26 24.85 -19.28
CA SER G 78 -13.23 26.16 -19.90
C SER G 78 -14.64 26.67 -20.14
N LEU G 79 -15.51 25.81 -20.69
CA LEU G 79 -16.86 26.24 -20.98
C LEU G 79 -17.59 26.65 -19.70
N LEU G 80 -17.59 25.79 -18.69
CA LEU G 80 -18.31 26.10 -17.46
C LEU G 80 -17.73 27.33 -16.78
N ALA G 81 -16.40 27.43 -16.71
CA ALA G 81 -15.78 28.57 -16.06
C ALA G 81 -16.16 29.87 -16.76
N GLY G 82 -16.16 29.87 -18.11
CA GLY G 82 -16.69 31.00 -18.83
C GLY G 82 -18.15 31.25 -18.54
N ALA G 83 -18.88 30.21 -18.11
CA ALA G 83 -20.29 30.35 -17.77
C ALA G 83 -20.53 30.79 -16.33
N VAL G 84 -19.50 30.84 -15.48
CA VAL G 84 -19.65 31.19 -14.07
C VAL G 84 -18.68 32.31 -13.73
N ASP G 85 -19.18 33.33 -13.03
CA ASP G 85 -18.34 34.40 -12.54
C ASP G 85 -19.09 35.15 -11.45
N GLY G 86 -18.57 35.11 -10.23
CA GLY G 86 -19.11 35.90 -9.14
C GLY G 86 -20.00 35.14 -8.19
N GLU G 87 -21.04 35.82 -7.68
CA GLU G 87 -21.93 35.24 -6.68
C GLU G 87 -23.09 34.46 -7.28
N ASN G 88 -23.28 34.54 -8.60
CA ASN G 88 -24.40 33.85 -9.22
C ASN G 88 -24.21 32.33 -9.14
N THR G 89 -25.33 31.63 -8.98
CA THR G 89 -25.35 30.18 -8.95
C THR G 89 -25.76 29.66 -10.33
N VAL G 90 -24.91 28.81 -10.91
CA VAL G 90 -25.03 28.40 -12.31
C VAL G 90 -25.46 26.96 -12.36
N ASP G 91 -26.55 26.69 -13.09
CA ASP G 91 -27.01 25.34 -13.33
C ASP G 91 -26.43 24.81 -14.62
N PHE G 92 -26.07 23.53 -14.63
CA PHE G 92 -25.47 22.92 -15.79
C PHE G 92 -25.77 21.44 -15.82
N ALA G 93 -25.69 20.88 -17.02
CA ALA G 93 -25.95 19.47 -17.24
C ALA G 93 -25.34 19.07 -18.56
N VAL G 94 -24.53 18.02 -18.56
CA VAL G 94 -23.78 17.62 -19.74
C VAL G 94 -23.62 16.11 -19.73
N GLU G 95 -23.47 15.55 -20.93
CA GLU G 95 -23.16 14.14 -21.13
C GLU G 95 -21.77 14.06 -21.73
N ILE G 96 -20.91 13.24 -21.13
CA ILE G 96 -19.52 13.14 -21.51
C ILE G 96 -19.32 11.90 -22.36
N TRP G 97 -18.66 12.06 -23.50
CA TRP G 97 -18.40 11.00 -24.44
C TRP G 97 -16.91 10.74 -24.55
N ALA G 98 -16.58 9.68 -25.28
CA ALA G 98 -15.20 9.32 -25.57
C ALA G 98 -15.10 8.95 -27.03
N LYS G 99 -14.11 9.51 -27.71
CA LYS G 99 -13.91 9.30 -29.13
C LYS G 99 -12.48 8.83 -29.37
N PRO G 100 -12.26 7.93 -30.33
CA PRO G 100 -10.89 7.52 -30.64
C PRO G 100 -10.05 8.69 -31.08
N SER G 101 -8.77 8.64 -30.73
CA SER G 101 -7.82 9.72 -31.05
C SER G 101 -6.49 9.09 -31.42
N GLU G 102 -6.30 8.88 -32.72
CA GLU G 102 -4.98 8.54 -33.22
C GLU G 102 -4.01 9.68 -32.95
N LYS G 103 -2.78 9.32 -32.63
CA LYS G 103 -1.76 10.27 -32.20
C LYS G 103 -2.04 10.81 -30.81
N GLY G 104 -2.71 10.01 -30.00
CA GLY G 104 -2.99 10.37 -28.61
C GLY G 104 -2.31 9.41 -27.66
N ASN G 105 -1.82 9.95 -26.55
CA ASN G 105 -1.14 9.14 -25.55
C ASN G 105 -2.10 8.20 -24.82
N THR G 106 -3.41 8.44 -24.90
CA THR G 106 -4.40 7.56 -24.29
C THR G 106 -5.22 6.80 -25.31
N GLY G 107 -5.34 7.30 -26.53
CA GLY G 107 -6.14 6.68 -27.55
C GLY G 107 -7.55 7.18 -27.64
N TYR G 108 -7.93 8.17 -26.84
CA TYR G 108 -9.27 8.70 -26.86
C TYR G 108 -9.24 10.19 -26.60
N GLU G 109 -10.31 10.86 -27.04
CA GLU G 109 -10.54 12.26 -26.75
C GLU G 109 -11.97 12.43 -26.26
N TYR G 110 -12.15 13.30 -25.29
CA TYR G 110 -13.45 13.48 -24.66
C TYR G 110 -14.36 14.37 -25.51
N GLY G 111 -15.65 14.04 -25.50
CA GLY G 111 -16.65 14.83 -26.16
C GLY G 111 -17.66 15.40 -25.19
N VAL G 112 -18.35 16.46 -25.60
CA VAL G 112 -19.31 17.16 -24.76
C VAL G 112 -20.60 17.31 -25.52
N LYS G 113 -21.67 16.70 -25.00
CA LYS G 113 -23.01 16.86 -25.56
C LYS G 113 -23.93 17.41 -24.48
N PRO G 114 -24.18 18.72 -24.45
CA PRO G 114 -25.02 19.28 -23.39
C PRO G 114 -26.46 18.79 -23.48
N LEU G 115 -27.11 18.79 -22.32
CA LEU G 115 -28.50 18.37 -22.20
C LEU G 115 -29.47 19.52 -22.02
N ILE G 116 -28.98 20.69 -21.62
CA ILE G 116 -29.76 21.92 -21.65
C ILE G 116 -29.41 22.68 -22.91
N GLU G 117 -30.42 23.10 -23.65
CA GLU G 117 -30.17 23.87 -24.86
C GLU G 117 -29.44 25.16 -24.49
N PRO G 118 -28.31 25.47 -25.10
CA PRO G 118 -27.57 26.67 -24.74
C PRO G 118 -28.12 27.90 -25.46
N ALA G 119 -27.55 29.05 -25.14
CA ALA G 119 -28.02 30.32 -25.65
C ALA G 119 -27.37 30.64 -26.99
N ALA G 120 -28.19 30.95 -27.98
CA ALA G 120 -27.75 31.33 -29.31
C ALA G 120 -28.33 32.68 -29.67
N SER G 121 -27.51 33.52 -30.28
CA SER G 121 -27.97 34.85 -30.66
C SER G 121 -29.04 34.85 -31.75
N ASP G 122 -29.82 35.93 -31.79
CA ASP G 122 -30.88 36.03 -32.79
C ASP G 122 -30.31 36.04 -34.20
N GLU G 123 -29.07 36.48 -34.35
CA GLU G 123 -28.46 36.56 -35.67
C GLU G 123 -28.21 35.17 -36.26
N LEU G 124 -27.62 34.28 -35.47
CA LEU G 124 -27.40 32.92 -35.94
C LEU G 124 -28.72 32.18 -36.10
N ALA G 125 -29.72 32.52 -35.30
CA ALA G 125 -31.06 32.01 -35.54
C ALA G 125 -31.59 32.44 -36.91
N ALA G 126 -31.38 33.71 -37.26
CA ALA G 126 -31.73 34.17 -38.60
C ALA G 126 -30.98 33.38 -39.66
N LEU G 127 -29.70 33.09 -39.41
CA LEU G 127 -28.94 32.31 -40.38
C LEU G 127 -29.53 30.92 -40.56
N ARG G 128 -29.88 30.25 -39.45
CA ARG G 128 -30.47 28.93 -39.55
C ARG G 128 -31.79 29.00 -40.30
N ASN G 129 -32.58 30.04 -40.07
CA ASN G 129 -33.83 30.21 -40.80
C ASN G 129 -33.57 30.35 -42.29
N GLN G 130 -32.58 31.16 -42.67
CA GLN G 130 -32.26 31.32 -44.08
C GLN G 130 -31.82 30.00 -44.69
N VAL G 131 -31.01 29.23 -43.97
CA VAL G 131 -30.57 27.93 -44.49
C VAL G 131 -31.76 27.01 -44.71
N LYS G 132 -32.70 26.99 -43.77
CA LYS G 132 -33.87 26.12 -43.86
C LYS G 132 -34.90 26.59 -44.88
N ALA G 133 -34.62 27.66 -45.62
CA ALA G 133 -35.60 28.22 -46.55
C ALA G 133 -35.42 27.69 -47.97
N ALA G 134 -34.18 27.72 -48.49
CA ALA G 134 -33.93 27.33 -49.87
C ALA G 134 -34.34 25.90 -50.14
N LEU G 135 -33.69 24.94 -49.46
CA LEU G 135 -33.97 23.53 -49.67
C LEU G 135 -35.01 23.02 -48.68
N MET H 1 23.86 -13.97 2.72
CA MET H 1 24.14 -12.56 3.10
C MET H 1 23.12 -11.62 2.48
N GLU H 2 22.58 -10.73 3.30
CA GLU H 2 21.62 -9.73 2.86
C GLU H 2 22.10 -8.36 3.31
N ILE H 3 22.22 -7.44 2.37
CA ILE H 3 22.63 -6.08 2.67
C ILE H 3 21.39 -5.25 3.02
N VAL H 4 21.47 -4.53 4.13
CA VAL H 4 20.36 -3.77 4.67
C VAL H 4 20.81 -2.34 4.91
N SER H 5 19.90 -1.39 4.66
CA SER H 5 20.21 0.01 4.89
C SER H 5 20.50 0.29 6.36
N LYS H 6 19.68 -0.27 7.25
CA LYS H 6 19.88 -0.16 8.68
C LYS H 6 19.64 -1.51 9.32
N LEU H 7 20.47 -1.86 10.28
CA LEU H 7 20.39 -3.15 10.95
C LEU H 7 19.58 -2.99 12.23
N THR H 8 18.47 -3.72 12.31
CA THR H 8 17.61 -3.72 13.48
C THR H 8 17.07 -5.12 13.69
N LEU H 9 16.55 -5.36 14.89
CA LEU H 9 15.90 -6.63 15.16
C LEU H 9 14.75 -6.88 14.20
N LYS H 10 14.12 -5.82 13.72
CA LYS H 10 13.05 -5.97 12.75
C LYS H 10 13.59 -6.27 11.35
N THR H 11 14.70 -5.65 10.98
CA THR H 11 15.29 -5.91 9.67
C THR H 11 15.74 -7.37 9.55
N ILE H 12 16.35 -7.90 10.60
CA ILE H 12 16.90 -9.26 10.55
C ILE H 12 15.87 -10.26 11.06
N GLY H 13 14.62 -9.82 11.18
CA GLY H 13 13.55 -10.73 11.55
C GLY H 13 13.71 -11.35 12.93
N ALA H 14 14.23 -10.59 13.87
CA ALA H 14 14.47 -11.07 15.23
C ALA H 14 13.50 -10.49 16.25
N GLN H 15 12.73 -9.49 15.88
CA GLN H 15 11.82 -8.87 16.84
C GLN H 15 10.69 -9.83 17.16
N PRO H 16 10.48 -10.20 18.42
CA PRO H 16 9.39 -11.13 18.73
C PRO H 16 8.03 -10.49 18.51
N LYS H 17 7.06 -11.34 18.22
CA LYS H 17 5.68 -10.88 18.16
C LYS H 17 5.18 -10.62 19.57
N PRO H 18 4.33 -9.60 19.76
CA PRO H 18 3.86 -9.31 21.12
C PRO H 18 3.17 -10.50 21.75
N HIS H 19 3.43 -10.68 23.05
CA HIS H 19 2.83 -11.74 23.84
C HIS H 19 3.17 -13.11 23.24
N SER H 20 4.47 -13.34 23.08
CA SER H 20 4.96 -14.57 22.47
C SER H 20 6.13 -15.21 23.18
N VAL H 21 6.76 -14.54 24.15
CA VAL H 21 7.92 -15.07 24.83
C VAL H 21 7.44 -15.79 26.09
N LYS H 22 7.55 -17.11 26.09
CA LYS H 22 7.24 -17.93 27.26
C LYS H 22 8.46 -18.33 28.06
N GLU H 23 9.65 -18.24 27.45
CA GLU H 23 10.89 -18.56 28.13
C GLU H 23 12.00 -17.73 27.51
N ASN H 24 13.09 -17.59 28.26
CA ASN H 24 14.23 -16.82 27.77
C ASN H 24 14.77 -17.43 26.48
N THR H 25 15.06 -16.57 25.51
CA THR H 25 15.43 -17.03 24.18
C THR H 25 16.36 -16.02 23.54
N ALA H 26 17.36 -16.54 22.84
CA ALA H 26 18.28 -15.70 22.07
C ALA H 26 17.69 -15.42 20.70
N LEU H 27 17.88 -14.18 20.23
CA LEU H 27 17.33 -13.74 18.95
C LEU H 27 18.40 -13.47 17.92
N ALA H 28 19.44 -12.74 18.28
CA ALA H 28 20.40 -12.26 17.30
C ALA H 28 21.78 -12.14 17.93
N SER H 29 22.79 -12.14 17.07
CA SER H 29 24.16 -11.85 17.44
C SER H 29 24.67 -10.75 16.53
N ILE H 30 25.14 -9.66 17.12
CA ILE H 30 25.54 -8.47 16.38
C ILE H 30 26.96 -8.12 16.76
N TYR H 31 27.82 -8.00 15.75
CA TYR H 31 29.20 -7.59 15.95
C TYR H 31 29.58 -6.63 14.83
N GLY H 32 30.54 -5.76 15.13
CA GLY H 32 30.98 -4.80 14.15
C GLY H 32 31.97 -3.82 14.74
N ARG H 33 32.26 -2.80 13.95
CA ARG H 33 33.12 -1.70 14.35
C ARG H 33 32.38 -0.40 14.17
N VAL H 34 32.53 0.51 15.13
CA VAL H 34 31.79 1.76 15.17
C VAL H 34 32.76 2.90 14.97
N ARG H 35 32.42 3.80 14.05
CA ARG H 35 33.22 4.98 13.77
C ARG H 35 32.60 6.25 14.35
N GLY H 36 31.28 6.36 14.35
CA GLY H 36 30.62 7.55 14.84
C GLY H 36 29.20 7.25 15.26
N LYS H 37 28.54 8.30 15.75
CA LYS H 37 27.17 8.21 16.22
C LYS H 37 26.42 9.48 15.85
N LYS H 38 25.12 9.34 15.67
CA LYS H 38 24.24 10.47 15.42
C LYS H 38 22.96 10.27 16.22
N VAL H 39 22.38 11.38 16.67
CA VAL H 39 21.20 11.38 17.53
C VAL H 39 20.01 11.81 16.70
N GLY H 40 18.92 11.03 16.78
CA GLY H 40 17.72 11.33 16.04
C GLY H 40 16.51 11.29 16.95
N GLN H 41 15.43 11.91 16.48
CA GLN H 41 14.20 12.05 17.23
C GLN H 41 13.10 11.23 16.59
N SER H 42 12.23 10.67 17.42
CA SER H 42 11.08 9.91 16.97
C SER H 42 9.92 10.18 17.91
N THR H 43 8.80 9.51 17.66
CA THR H 43 7.62 9.69 18.50
C THR H 43 7.90 9.25 19.93
N PHE H 44 8.68 8.19 20.09
CA PHE H 44 8.88 7.56 21.38
C PHE H 44 10.13 8.07 22.11
N GLY H 45 10.84 9.03 21.54
CA GLY H 45 11.98 9.64 22.16
C GLY H 45 13.13 9.76 21.19
N ASP H 46 14.30 10.06 21.74
CA ASP H 46 15.51 10.18 20.95
C ASP H 46 16.23 8.84 20.86
N PHE H 47 17.01 8.68 19.80
CA PHE H 47 17.73 7.43 19.56
C PHE H 47 19.05 7.75 18.91
N ILE H 48 19.98 6.81 19.02
CA ILE H 48 21.31 6.93 18.43
C ILE H 48 21.41 5.95 17.28
N LYS H 49 21.98 6.43 16.17
CA LYS H 49 22.24 5.61 14.99
C LYS H 49 23.75 5.57 14.78
N PHE H 50 24.29 4.38 14.59
CA PHE H 50 25.73 4.18 14.55
C PHE H 50 26.19 3.97 13.11
N GLU H 51 27.43 4.35 12.86
CA GLU H 51 28.06 4.25 11.55
C GLU H 51 29.30 3.38 11.65
N GLY H 52 29.45 2.46 10.71
CA GLY H 52 30.62 1.60 10.68
C GLY H 52 30.35 0.35 9.87
N GLU H 53 31.00 -0.73 10.25
CA GLU H 53 30.81 -2.05 9.65
C GLU H 53 30.11 -2.93 10.67
N PHE H 54 28.96 -3.47 10.29
CA PHE H 54 28.14 -4.26 11.18
C PHE H 54 27.65 -5.50 10.47
N GLU H 55 27.69 -6.63 11.17
CA GLU H 55 27.14 -7.88 10.68
C GLU H 55 26.18 -8.44 11.72
N GLY H 56 25.15 -9.11 11.24
CA GLY H 56 24.10 -9.59 12.10
C GLY H 56 23.69 -10.99 11.70
N VAL H 57 23.22 -11.75 12.69
CA VAL H 57 22.90 -13.16 12.51
C VAL H 57 21.64 -13.45 13.30
N ASN H 58 20.63 -13.99 12.64
CA ASN H 58 19.46 -14.53 13.32
C ASN H 58 19.73 -15.98 13.69
N ILE H 59 19.18 -16.39 14.82
CA ILE H 59 19.48 -17.70 15.39
C ILE H 59 18.38 -18.72 15.12
N ALA H 60 17.15 -18.28 14.85
CA ALA H 60 16.10 -19.19 14.43
C ALA H 60 16.12 -19.47 12.95
N THR H 61 16.95 -18.77 12.19
CA THR H 61 17.05 -18.96 10.75
C THR H 61 18.48 -19.07 10.24
N GLY H 62 19.47 -18.61 11.00
CA GLY H 62 20.83 -18.60 10.53
C GLY H 62 21.13 -17.54 9.49
N GLU H 63 20.15 -16.72 9.12
CA GLU H 63 20.38 -15.69 8.13
C GLU H 63 21.42 -14.70 8.62
N VAL H 64 22.26 -14.25 7.69
CA VAL H 64 23.35 -13.33 7.99
C VAL H 64 23.10 -12.04 7.25
N PHE H 65 23.23 -10.92 7.95
CA PHE H 65 22.99 -9.59 7.42
C PHE H 65 24.22 -8.73 7.62
N ARG H 66 24.28 -7.64 6.86
CA ARG H 66 25.39 -6.72 6.94
C ARG H 66 24.90 -5.33 6.57
N SER H 67 25.43 -4.31 7.25
CA SER H 67 24.98 -2.95 7.05
C SER H 67 26.11 -1.99 7.42
N GLY H 68 25.86 -0.71 7.18
CA GLY H 68 26.74 0.34 7.64
C GLY H 68 26.07 1.22 8.67
N ALA H 69 24.81 0.90 8.99
CA ALA H 69 24.05 1.61 9.99
C ALA H 69 23.49 0.63 11.00
N LEU H 70 23.30 1.12 12.23
CA LEU H 70 22.84 0.27 13.32
C LEU H 70 22.02 1.10 14.30
N ILE H 71 20.81 0.64 14.59
CA ILE H 71 19.99 1.17 15.66
C ILE H 71 19.68 0.03 16.62
N LEU H 72 20.01 0.23 17.89
CA LEU H 72 19.84 -0.74 18.94
C LEU H 72 18.79 -0.30 19.94
N PRO H 73 18.31 -1.21 20.78
CA PRO H 73 17.48 -0.81 21.91
C PRO H 73 18.24 0.15 22.83
N LYS H 74 17.51 0.68 23.81
CA LYS H 74 18.05 1.77 24.62
C LYS H 74 19.18 1.32 25.52
N VAL H 75 19.12 0.09 26.05
CA VAL H 75 20.15 -0.37 26.98
C VAL H 75 21.46 -0.60 26.27
N LEU H 76 21.44 -1.42 25.22
CA LEU H 76 22.65 -1.63 24.42
C LEU H 76 23.14 -0.32 23.86
N GLU H 77 22.22 0.55 23.46
CA GLU H 77 22.60 1.86 22.94
C GLU H 77 23.38 2.64 23.98
N SER H 78 22.89 2.67 25.22
CA SER H 78 23.57 3.41 26.27
C SER H 78 24.96 2.84 26.51
N LEU H 79 25.07 1.51 26.61
CA LEU H 79 26.37 0.89 26.86
C LEU H 79 27.35 1.23 25.75
N LEU H 80 26.97 0.97 24.51
CA LEU H 80 27.88 1.20 23.39
C LEU H 80 28.25 2.68 23.28
N ALA H 81 27.26 3.57 23.41
CA ALA H 81 27.53 4.99 23.31
C ALA H 81 28.50 5.44 24.38
N GLY H 82 28.33 4.97 25.62
CA GLY H 82 29.33 5.21 26.62
C GLY H 82 30.68 4.62 26.27
N ALA H 83 30.70 3.59 25.41
CA ALA H 83 31.95 2.98 24.98
C ALA H 83 32.58 3.66 23.77
N VAL H 84 31.91 4.62 23.14
CA VAL H 84 32.42 5.29 21.95
C VAL H 84 32.36 6.79 22.15
N ASP H 85 33.45 7.48 21.82
CA ASP H 85 33.49 8.93 21.87
C ASP H 85 34.66 9.41 21.04
N GLY H 86 34.38 10.13 19.95
CA GLY H 86 35.43 10.77 19.18
C GLY H 86 35.81 10.04 17.91
N GLU H 87 37.09 10.08 17.57
CA GLU H 87 37.59 9.51 16.32
C GLU H 87 37.97 8.03 16.46
N ASN H 88 38.00 7.50 17.68
CA ASN H 88 38.39 6.11 17.87
C ASN H 88 37.36 5.17 17.27
N THR H 89 37.85 4.05 16.72
CA THR H 89 37.01 3.01 16.17
C THR H 89 36.84 1.91 17.20
N VAL H 90 35.60 1.58 17.54
CA VAL H 90 35.27 0.72 18.67
C VAL H 90 34.74 -0.60 18.14
N ASP H 91 35.35 -1.69 18.58
CA ASP H 91 34.89 -3.04 18.25
C ASP H 91 33.95 -3.54 19.33
N PHE H 92 32.90 -4.24 18.90
CA PHE H 92 31.90 -4.72 19.84
C PHE H 92 31.26 -5.99 19.28
N ALA H 93 30.71 -6.78 20.19
CA ALA H 93 30.05 -8.02 19.84
C ALA H 93 29.16 -8.42 21.00
N VAL H 94 27.89 -8.69 20.71
CA VAL H 94 26.91 -8.97 21.75
C VAL H 94 25.87 -9.94 21.22
N GLU H 95 25.27 -10.68 22.14
CA GLU H 95 24.17 -11.57 21.85
C GLU H 95 22.93 -11.03 22.54
N ILE H 96 21.84 -10.90 21.78
CA ILE H 96 20.63 -10.26 22.26
C ILE H 96 19.62 -11.35 22.62
N TRP H 97 19.04 -11.24 23.81
CA TRP H 97 18.08 -12.20 24.33
C TRP H 97 16.73 -11.53 24.51
N ALA H 98 15.75 -12.37 24.84
CA ALA H 98 14.40 -11.90 25.14
C ALA H 98 13.90 -12.63 26.37
N LYS H 99 13.37 -11.89 27.32
CA LYS H 99 12.90 -12.43 28.58
C LYS H 99 11.45 -12.01 28.80
N PRO H 100 10.62 -12.87 29.39
CA PRO H 100 9.25 -12.45 29.68
C PRO H 100 9.22 -11.28 30.64
N SER H 101 8.22 -10.42 30.44
CA SER H 101 8.07 -9.19 31.22
C SER H 101 6.58 -8.98 31.52
N GLU H 102 6.14 -9.49 32.66
CA GLU H 102 4.82 -9.14 33.16
C GLU H 102 4.77 -7.65 33.43
N LYS H 103 3.61 -7.04 33.16
CA LYS H 103 3.42 -5.60 33.24
C LYS H 103 4.15 -4.89 32.11
N GLY H 104 4.33 -5.56 30.99
CA GLY H 104 4.93 -4.97 29.81
C GLY H 104 3.94 -4.91 28.66
N ASN H 105 4.03 -3.83 27.87
CA ASN H 105 3.13 -3.67 26.75
C ASN H 105 3.42 -4.64 25.62
N THR H 106 4.59 -5.27 25.63
CA THR H 106 4.94 -6.27 24.62
C THR H 106 5.02 -7.68 25.18
N GLY H 107 5.25 -7.82 26.48
CA GLY H 107 5.37 -9.11 27.10
C GLY H 107 6.79 -9.63 27.20
N TYR H 108 7.78 -8.86 26.77
CA TYR H 108 9.16 -9.29 26.82
C TYR H 108 10.05 -8.10 27.13
N GLU H 109 11.23 -8.42 27.65
CA GLU H 109 12.28 -7.44 27.87
C GLU H 109 13.59 -8.00 27.30
N TYR H 110 14.38 -7.12 26.70
CA TYR H 110 15.60 -7.55 26.03
C TYR H 110 16.73 -7.75 27.03
N GLY H 111 17.57 -8.76 26.75
CA GLY H 111 18.74 -9.02 27.53
C GLY H 111 20.01 -8.87 26.72
N VAL H 112 21.14 -8.67 27.39
CA VAL H 112 22.42 -8.43 26.75
C VAL H 112 23.44 -9.37 27.35
N LYS H 113 23.99 -10.26 26.54
CA LYS H 113 25.08 -11.14 26.94
C LYS H 113 26.28 -10.90 26.03
N PRO H 114 27.25 -10.11 26.46
CA PRO H 114 28.38 -9.82 25.57
C PRO H 114 29.23 -11.06 25.31
N LEU H 115 29.90 -11.02 24.16
CA LEU H 115 30.77 -12.11 23.73
C LEU H 115 32.24 -11.80 23.87
N ILE H 116 32.61 -10.53 23.99
CA ILE H 116 33.95 -10.11 24.35
C ILE H 116 33.96 -9.82 25.85
N GLU H 117 34.92 -10.38 26.56
CA GLU H 117 35.02 -10.13 27.99
C GLU H 117 35.26 -8.63 28.20
N PRO H 118 34.46 -7.95 29.00
CA PRO H 118 34.63 -6.51 29.21
C PRO H 118 35.70 -6.23 30.26
N ALA H 119 35.97 -4.94 30.45
CA ALA H 119 37.04 -4.50 31.33
C ALA H 119 36.53 -4.37 32.75
N ALA H 120 37.24 -4.99 33.68
CA ALA H 120 36.93 -4.93 35.10
C ALA H 120 38.16 -4.45 35.86
N SER H 121 37.93 -3.57 36.83
CA SER H 121 39.03 -3.01 37.61
C SER H 121 39.73 -4.05 38.49
N ASP H 122 40.99 -3.76 38.81
CA ASP H 122 41.75 -4.68 39.65
C ASP H 122 41.13 -4.83 41.02
N GLU H 123 40.38 -3.84 41.47
CA GLU H 123 39.78 -3.90 42.80
C GLU H 123 38.69 -4.95 42.86
N LEU H 124 37.78 -4.95 41.88
CA LEU H 124 36.75 -5.97 41.85
C LEU H 124 37.33 -7.35 41.56
N ALA H 125 38.43 -7.41 40.84
CA ALA H 125 39.16 -8.67 40.71
C ALA H 125 39.65 -9.15 42.06
N ALA H 126 40.20 -8.25 42.88
CA ALA H 126 40.58 -8.61 44.24
C ALA H 126 39.37 -9.12 45.03
N LEU H 127 38.22 -8.47 44.84
CA LEU H 127 37.02 -8.93 45.54
C LEU H 127 36.63 -10.34 45.13
N ARG H 128 36.67 -10.62 43.83
CA ARG H 128 36.34 -11.96 43.36
C ARG H 128 37.32 -12.98 43.92
N ASN H 129 38.60 -12.60 43.99
CA ASN H 129 39.60 -13.49 44.58
C ASN H 129 39.29 -13.78 46.03
N GLN H 130 38.93 -12.74 46.80
CA GLN H 130 38.58 -12.94 48.20
C GLN H 130 37.37 -13.85 48.34
N VAL H 131 36.36 -13.67 47.48
CA VAL H 131 35.18 -14.52 47.54
C VAL H 131 35.55 -15.97 47.28
N LYS H 132 36.42 -16.21 46.29
CA LYS H 132 36.80 -17.56 45.91
C LYS H 132 37.76 -18.20 46.90
N ALA H 133 38.09 -17.53 48.00
CA ALA H 133 39.07 -18.05 48.95
C ALA H 133 38.42 -18.84 50.09
N ALA H 134 37.40 -18.27 50.72
CA ALA H 134 36.80 -18.89 51.89
C ALA H 134 36.23 -20.26 51.57
N LEU H 135 35.24 -20.32 50.67
CA LEU H 135 34.59 -21.57 50.32
C LEU H 135 35.24 -22.19 49.10
#